data_4FL0
#
_entry.id   4FL0
#
_cell.length_a   57.280
_cell.length_b   89.870
_cell.length_c   180.700
_cell.angle_alpha   90.00
_cell.angle_beta   90.00
_cell.angle_gamma   90.00
#
_symmetry.space_group_name_H-M   'P 21 21 21'
#
loop_
_entity.id
_entity.type
_entity.pdbx_description
1 polymer 'Aminotransferase ALD1'
2 non-polymer "PYRIDOXAL-5'-PHOSPHATE"
3 water water
#
_entity_poly.entity_id   1
_entity_poly.type   'polypeptide(L)'
_entity_poly.pdbx_seq_one_letter_code
;MVSLMFFSSASPLCSSPSKIPKASLDFEMKKLGGSTKLVRNVNLEKLKNNYLFPEINRRELEHIEKHPNVQLISLGTGDT
TEPIPEQITSHMSNFAHGLSTVEGYRGYGLEQGNKTLRKAIAETFYRDLHVKSNEVFVSDGAQSDISRLQLLLGSNVTIA
VQDPTFPAYIDSSVIIGQTGHFHEKTKKYQNVVYMPCGPNNSFFPDLAMTPRTDVIFFCSPNNPTGYVASRKQLHQLVDF
AKTNGSIIIFDSAYAAFIEDGSPRSIYEIPGAREVAIEVSSFSKFAGFTGVRLGWSIIPDELLYSNGFPIINDFHRIVTT
SFNGASNIAQAGGLACLSSGGLKEIRSVNNYYKENRKILMDTLVSLGLKVYGGVNAPYLWVHFKGSKSWDVFNEILENTH
IITVPGSGFGPGGEEYLRISGFGRRDHIVEASKRLQNFFNTRTKHFTYLSSTSNTN
;
_entity_poly.pdbx_strand_id   A,B
#
# COMPACT_ATOMS: atom_id res chain seq x y z
N SER A 35 17.99 23.72 -7.67
CA SER A 35 17.72 23.15 -6.30
C SER A 35 16.45 23.68 -5.60
N THR A 36 16.05 22.94 -4.57
CA THR A 36 14.85 23.17 -3.79
C THR A 36 15.30 23.60 -2.36
N LYS A 37 14.41 24.09 -1.49
CA LYS A 37 14.76 24.41 -0.08
C LYS A 37 14.27 23.34 0.91
N LEU A 38 13.85 22.19 0.40
CA LEU A 38 13.21 21.19 1.26
C LEU A 38 14.28 20.54 2.07
N VAL A 39 14.01 20.43 3.36
CA VAL A 39 14.93 19.77 4.24
C VAL A 39 14.65 18.28 4.25
N ARG A 40 15.68 17.48 3.97
CA ARG A 40 15.61 16.05 4.12
C ARG A 40 15.03 15.61 5.46
N ASN A 41 14.00 14.75 5.42
CA ASN A 41 13.42 14.15 6.64
C ASN A 41 14.59 13.59 7.44
N VAL A 42 14.65 14.00 8.68
CA VAL A 42 15.67 13.55 9.62
C VAL A 42 15.65 12.03 9.78
N ASN A 43 14.45 11.43 9.78
CA ASN A 43 14.33 9.98 9.93
C ASN A 43 15.02 9.27 8.75
N LEU A 44 15.09 9.89 7.59
CA LEU A 44 15.87 9.28 6.54
C LEU A 44 17.36 9.34 6.80
N GLU A 45 17.82 10.35 7.53
CA GLU A 45 19.25 10.47 7.82
C GLU A 45 19.59 9.40 8.85
N LYS A 46 18.67 9.12 9.77
CA LYS A 46 18.90 8.06 10.77
C LYS A 46 19.03 6.65 10.19
N LEU A 47 18.35 6.41 9.07
CA LEU A 47 18.23 5.05 8.57
C LEU A 47 19.50 4.62 7.88
N LYS A 48 20.17 3.64 8.43
CA LYS A 48 21.34 3.03 7.78
C LYS A 48 20.88 2.18 6.61
N ASN A 49 21.61 2.16 5.51
CA ASN A 49 21.28 1.22 4.47
C ASN A 49 21.57 -0.19 4.95
N ASN A 50 20.65 -1.13 4.79
CA ASN A 50 21.08 -2.51 5.03
C ASN A 50 21.68 -3.04 3.75
N TYR A 51 22.94 -3.43 3.84
CA TYR A 51 23.71 -3.85 2.70
C TYR A 51 23.41 -5.32 2.41
N LEU A 52 22.77 -6.04 3.33
CA LEU A 52 22.82 -7.51 3.34
C LEU A 52 22.49 -8.12 2.00
N PHE A 53 21.26 -7.91 1.53
CA PHE A 53 20.83 -8.54 0.27
C PHE A 53 21.43 -7.95 -0.98
N PRO A 54 21.56 -6.62 -1.01
CA PRO A 54 22.27 -6.04 -2.16
C PRO A 54 23.68 -6.60 -2.25
N GLU A 55 24.34 -6.76 -1.11
CA GLU A 55 25.71 -7.29 -1.06
C GLU A 55 25.82 -8.78 -1.44
N ILE A 56 24.95 -9.63 -0.87
CA ILE A 56 24.83 -11.05 -1.30
C ILE A 56 24.67 -11.08 -2.81
N ASN A 57 23.77 -10.25 -3.27
CA ASN A 57 23.53 -10.11 -4.70
C ASN A 57 24.78 -9.71 -5.53
N ARG A 58 25.48 -8.68 -5.09
CA ARG A 58 26.69 -8.26 -5.75
C ARG A 58 27.73 -9.42 -5.76
N ARG A 59 27.90 -10.07 -4.62
CA ARG A 59 28.84 -11.17 -4.51
C ARG A 59 28.47 -12.32 -5.38
N GLU A 60 27.18 -12.55 -5.53
CA GLU A 60 26.70 -13.62 -6.43
C GLU A 60 27.12 -13.35 -7.90
N LEU A 61 26.84 -12.12 -8.34
CA LEU A 61 27.03 -11.70 -9.73
C LEU A 61 28.53 -11.72 -10.04
N GLU A 62 29.30 -11.19 -9.12
CA GLU A 62 30.76 -11.20 -9.22
C GLU A 62 31.31 -12.61 -9.34
N HIS A 63 30.78 -13.53 -8.52
CA HIS A 63 31.22 -14.92 -8.56
C HIS A 63 30.80 -15.67 -9.85
N ILE A 64 29.56 -15.48 -10.28
CA ILE A 64 29.11 -16.03 -11.55
C ILE A 64 29.99 -15.48 -12.67
N GLU A 65 30.38 -14.20 -12.58
CA GLU A 65 31.24 -13.58 -13.60
C GLU A 65 32.68 -14.14 -13.63
N LYS A 66 33.25 -14.48 -12.49
CA LYS A 66 34.61 -15.05 -12.46
C LYS A 66 34.58 -16.54 -12.74
N HIS A 67 33.48 -17.22 -12.41
CA HIS A 67 33.41 -18.65 -12.54
C HIS A 67 32.17 -19.02 -13.33
N PRO A 68 32.09 -18.56 -14.59
CA PRO A 68 30.91 -18.81 -15.43
C PRO A 68 30.77 -20.25 -15.84
N ASN A 69 31.87 -20.98 -15.69
CA ASN A 69 31.91 -22.41 -16.02
C ASN A 69 31.23 -23.31 -14.99
N VAL A 70 30.76 -22.76 -13.86
CA VAL A 70 30.11 -23.52 -12.81
C VAL A 70 28.67 -23.04 -12.58
N GLN A 71 27.77 -23.93 -12.22
CA GLN A 71 26.42 -23.51 -11.90
C GLN A 71 26.37 -23.05 -10.44
N LEU A 72 26.19 -21.74 -10.22
CA LEU A 72 26.00 -21.23 -8.90
C LEU A 72 24.62 -21.62 -8.40
N ILE A 73 24.52 -21.98 -7.14
CA ILE A 73 23.23 -22.33 -6.55
C ILE A 73 22.98 -21.47 -5.33
N SER A 74 21.73 -21.06 -5.16
CA SER A 74 21.39 -20.18 -4.10
C SER A 74 20.45 -20.82 -3.10
N LEU A 75 20.85 -20.78 -1.85
CA LEU A 75 19.98 -21.17 -0.75
C LEU A 75 19.79 -19.94 0.11
N GLY A 76 19.81 -18.77 -0.51
CA GLY A 76 19.79 -17.51 0.23
C GLY A 76 18.42 -16.89 0.33
N THR A 77 17.91 -16.42 -0.79
CA THR A 77 16.65 -15.66 -0.83
C THR A 77 15.47 -16.59 -0.43
N GLY A 78 14.49 -16.00 0.26
CA GLY A 78 13.34 -16.72 0.80
C GLY A 78 12.08 -16.58 -0.04
N ASP A 79 12.24 -16.40 -1.34
CA ASP A 79 11.10 -16.30 -2.21
C ASP A 79 10.60 -17.69 -2.55
N THR A 80 9.30 -17.84 -2.62
CA THR A 80 8.69 -19.08 -3.12
C THR A 80 9.02 -19.24 -4.59
N THR A 81 9.12 -20.49 -5.04
CA THR A 81 9.50 -20.85 -6.40
C THR A 81 8.61 -21.82 -7.19
N GLU A 82 7.77 -22.61 -6.56
CA GLU A 82 6.80 -23.46 -7.25
C GLU A 82 5.57 -22.67 -7.67
N PRO A 83 4.96 -23.02 -8.80
CA PRO A 83 3.82 -22.26 -9.26
C PRO A 83 2.61 -22.40 -8.35
N ILE A 84 1.68 -21.46 -8.44
CA ILE A 84 0.49 -21.48 -7.63
C ILE A 84 -0.45 -22.49 -8.28
N PRO A 85 -1.13 -23.27 -7.50
CA PRO A 85 -2.01 -24.26 -8.19
C PRO A 85 -2.99 -23.63 -9.17
N GLU A 86 -3.11 -24.27 -10.33
CA GLU A 86 -4.10 -23.90 -11.33
C GLU A 86 -5.54 -23.69 -10.75
N GLN A 87 -5.96 -24.47 -9.77
CA GLN A 87 -7.31 -24.22 -9.18
C GLN A 87 -7.50 -22.77 -8.72
N ILE A 88 -6.48 -22.25 -8.05
CA ILE A 88 -6.53 -20.93 -7.46
C ILE A 88 -6.43 -19.85 -8.53
N THR A 89 -5.44 -19.99 -9.36
CA THR A 89 -5.14 -19.12 -10.46
C THR A 89 -6.32 -18.94 -11.44
N SER A 90 -6.98 -20.06 -11.71
CA SER A 90 -8.14 -20.11 -12.56
C SER A 90 -9.22 -19.19 -12.03
N HIS A 91 -9.40 -19.12 -10.73
CA HIS A 91 -10.37 -18.18 -10.15
C HIS A 91 -9.95 -16.74 -10.38
N MET A 92 -8.66 -16.48 -10.33
CA MET A 92 -8.16 -15.13 -10.56
C MET A 92 -8.37 -14.78 -12.04
N SER A 93 -8.13 -15.71 -12.96
CA SER A 93 -8.39 -15.48 -14.39
C SER A 93 -9.85 -15.24 -14.67
N ASN A 94 -10.73 -16.01 -14.03
CA ASN A 94 -12.18 -15.83 -14.25
C ASN A 94 -12.70 -14.54 -13.71
N PHE A 95 -12.25 -14.16 -12.52
CA PHE A 95 -12.63 -12.89 -11.94
C PHE A 95 -12.15 -11.79 -12.86
N ALA A 96 -10.93 -11.89 -13.36
CA ALA A 96 -10.41 -10.85 -14.26
C ALA A 96 -11.20 -10.72 -15.55
N HIS A 97 -11.59 -11.85 -16.14
CA HIS A 97 -12.43 -11.82 -17.38
C HIS A 97 -13.81 -11.21 -17.01
N GLY A 98 -14.30 -11.51 -15.82
CA GLY A 98 -15.57 -10.96 -15.36
C GLY A 98 -15.56 -9.44 -15.27
N LEU A 99 -14.36 -8.82 -15.20
CA LEU A 99 -14.30 -7.34 -15.18
C LEU A 99 -14.56 -6.71 -16.54
N SER A 100 -14.68 -7.54 -17.57
CA SER A 100 -15.03 -7.01 -18.90
C SER A 100 -16.54 -7.23 -19.15
N THR A 101 -17.27 -7.69 -18.13
CA THR A 101 -18.71 -7.83 -18.21
C THR A 101 -19.47 -6.91 -17.25
N VAL A 102 -20.66 -6.52 -17.68
CA VAL A 102 -21.55 -5.72 -16.85
C VAL A 102 -21.87 -6.41 -15.53
N GLU A 103 -22.05 -7.71 -15.54
CA GLU A 103 -22.40 -8.46 -14.32
C GLU A 103 -21.21 -8.61 -13.38
N GLY A 104 -20.00 -8.67 -13.91
CA GLY A 104 -18.80 -8.86 -13.10
C GLY A 104 -17.91 -7.64 -12.91
N TYR A 105 -18.17 -6.51 -13.58
CA TYR A 105 -17.37 -5.32 -13.31
C TYR A 105 -17.52 -4.84 -11.91
N ARG A 106 -16.37 -4.60 -11.26
CA ARG A 106 -16.29 -4.12 -9.87
C ARG A 106 -15.23 -3.03 -9.84
N GLY A 107 -15.63 -1.85 -9.35
CA GLY A 107 -14.73 -0.74 -9.08
C GLY A 107 -14.17 -0.85 -7.68
N TYR A 108 -14.19 0.25 -6.91
CA TYR A 108 -13.67 0.27 -5.54
C TYR A 108 -14.43 -0.76 -4.68
N GLY A 109 -13.71 -1.50 -3.85
CA GLY A 109 -14.31 -2.39 -2.82
C GLY A 109 -14.14 -1.74 -1.45
N LEU A 110 -14.58 -2.39 -0.40
CA LEU A 110 -14.28 -1.89 0.95
C LEU A 110 -12.75 -1.88 1.18
N GLU A 111 -12.19 -0.75 1.61
CA GLU A 111 -10.73 -0.66 1.86
C GLU A 111 -10.17 -1.77 2.78
N GLN A 112 -11.02 -2.17 3.73
CA GLN A 112 -10.80 -3.22 4.66
C GLN A 112 -10.75 -4.58 3.99
N GLY A 113 -11.39 -4.71 2.82
CA GLY A 113 -11.38 -5.95 2.02
C GLY A 113 -12.74 -6.60 1.92
N ASN A 114 -12.93 -7.42 0.89
CA ASN A 114 -14.22 -8.13 0.68
C ASN A 114 -14.68 -8.85 1.93
N LYS A 115 -15.97 -8.81 2.18
CA LYS A 115 -16.52 -9.48 3.33
C LYS A 115 -16.37 -10.99 3.20
N THR A 116 -16.58 -11.55 2.03
CA THR A 116 -16.42 -13.01 1.85
C THR A 116 -14.98 -13.48 2.24
N LEU A 117 -13.97 -12.70 1.83
CA LEU A 117 -12.57 -12.97 2.14
C LEU A 117 -12.25 -12.84 3.62
N ARG A 118 -12.78 -11.81 4.29
CA ARG A 118 -12.55 -11.65 5.68
C ARG A 118 -13.14 -12.76 6.49
N LYS A 119 -14.35 -13.20 6.13
CA LYS A 119 -15.03 -14.30 6.83
C LYS A 119 -14.24 -15.56 6.64
N ALA A 120 -13.79 -15.81 5.42
CA ALA A 120 -12.98 -16.99 5.19
C ALA A 120 -11.64 -16.97 5.99
N ILE A 121 -10.96 -15.81 6.06
CA ILE A 121 -9.73 -15.74 6.88
C ILE A 121 -10.04 -16.03 8.36
N ALA A 122 -11.11 -15.46 8.85
CA ALA A 122 -11.54 -15.69 10.23
C ALA A 122 -11.83 -17.17 10.55
N GLU A 123 -12.55 -17.82 9.66
CA GLU A 123 -12.95 -19.21 9.78
C GLU A 123 -11.79 -20.12 9.53
N THR A 124 -10.96 -19.79 8.55
CA THR A 124 -9.84 -20.68 8.25
C THR A 124 -8.72 -20.64 9.33
N PHE A 125 -8.38 -19.45 9.80
CA PHE A 125 -7.19 -19.30 10.62
C PHE A 125 -7.49 -19.04 12.07
N TYR A 126 -8.72 -18.61 12.40
CA TYR A 126 -9.03 -18.25 13.79
C TYR A 126 -10.32 -18.89 14.33
N ARG A 127 -10.60 -20.10 13.83
CA ARG A 127 -11.81 -20.82 14.22
C ARG A 127 -11.79 -20.98 15.75
N ASP A 128 -12.87 -20.56 16.39
CA ASP A 128 -13.01 -20.73 17.84
C ASP A 128 -12.14 -19.80 18.62
N LEU A 129 -11.51 -18.80 18.00
CA LEU A 129 -10.64 -17.92 18.79
C LEU A 129 -11.27 -16.57 19.01
N HIS A 130 -12.56 -16.43 18.68
CA HIS A 130 -13.37 -15.21 18.90
C HIS A 130 -12.89 -14.02 18.07
N VAL A 131 -12.32 -14.33 16.90
CA VAL A 131 -11.98 -13.30 15.89
C VAL A 131 -13.17 -13.11 14.96
N LYS A 132 -13.63 -11.87 14.85
CA LYS A 132 -14.79 -11.53 14.03
C LYS A 132 -14.27 -11.08 12.68
N SER A 133 -15.12 -11.30 11.67
CA SER A 133 -14.82 -10.92 10.32
C SER A 133 -14.57 -9.43 10.21
N ASN A 134 -15.14 -8.65 11.10
CA ASN A 134 -14.92 -7.21 11.06
C ASN A 134 -13.68 -6.75 11.78
N GLU A 135 -12.94 -7.68 12.43
CA GLU A 135 -11.61 -7.38 12.99
C GLU A 135 -10.50 -7.76 12.02
N VAL A 136 -10.84 -8.29 10.83
CA VAL A 136 -9.82 -8.65 9.83
C VAL A 136 -9.63 -7.49 8.88
N PHE A 137 -8.39 -7.09 8.58
CA PHE A 137 -8.11 -5.98 7.61
C PHE A 137 -7.25 -6.51 6.49
N VAL A 138 -7.80 -6.60 5.30
CA VAL A 138 -7.12 -7.27 4.26
C VAL A 138 -6.14 -6.29 3.67
N SER A 139 -4.91 -6.74 3.45
CA SER A 139 -3.83 -5.91 2.94
C SER A 139 -3.31 -6.41 1.60
N ASP A 140 -2.43 -5.61 0.99
CA ASP A 140 -1.61 -6.02 -0.12
C ASP A 140 -0.30 -6.58 0.41
N GLY A 141 -0.39 -7.28 1.55
CA GLY A 141 0.75 -8.02 2.17
C GLY A 141 1.36 -7.32 3.36
N ALA A 142 2.25 -8.03 4.07
CA ALA A 142 2.75 -7.58 5.40
C ALA A 142 3.64 -6.35 5.35
N GLN A 143 4.45 -6.20 4.32
CA GLN A 143 5.35 -5.07 4.27
C GLN A 143 4.59 -3.78 4.41
N SER A 144 3.55 -3.62 3.60
CA SER A 144 2.70 -2.44 3.62
C SER A 144 1.95 -2.34 4.90
N ASP A 145 1.47 -3.49 5.36
CA ASP A 145 0.66 -3.54 6.56
C ASP A 145 1.48 -3.10 7.78
N ILE A 146 2.72 -3.53 7.82
CA ILE A 146 3.58 -3.14 8.91
C ILE A 146 3.75 -1.62 8.88
N SER A 147 3.92 -1.02 7.69
CA SER A 147 4.20 0.42 7.64
C SER A 147 2.95 1.15 8.01
N ARG A 148 1.80 0.56 7.73
CA ARG A 148 0.54 1.22 8.12
C ARG A 148 0.29 1.11 9.61
N LEU A 149 0.72 0.00 10.21
CA LEU A 149 0.67 -0.09 11.67
C LEU A 149 1.60 0.96 12.31
N GLN A 150 2.76 1.14 11.73
CA GLN A 150 3.69 2.14 12.23
C GLN A 150 3.18 3.57 12.02
N LEU A 151 2.46 3.84 10.96
CA LEU A 151 1.75 5.12 10.83
C LEU A 151 0.70 5.27 11.92
N LEU A 152 -0.03 4.21 12.20
CA LEU A 152 -1.05 4.27 13.28
C LEU A 152 -0.40 4.66 14.63
N LEU A 153 0.67 3.94 14.95
CA LEU A 153 1.33 4.02 16.25
C LEU A 153 2.03 5.41 16.44
N GLY A 154 2.72 5.88 15.41
CA GLY A 154 3.31 7.22 15.36
C GLY A 154 4.75 7.20 15.85
N SER A 155 5.32 8.39 15.98
CA SER A 155 6.73 8.55 16.36
C SER A 155 6.95 8.44 17.87
N ASN A 156 5.92 8.60 18.67
CA ASN A 156 6.11 8.73 20.11
C ASN A 156 5.87 7.47 20.94
N VAL A 157 6.37 6.34 20.41
CA VAL A 157 6.30 5.05 21.08
C VAL A 157 7.67 4.36 21.07
N THR A 158 7.86 3.43 21.98
CA THR A 158 9.10 2.71 22.10
C THR A 158 8.80 1.29 21.72
N ILE A 159 9.74 0.64 21.04
CA ILE A 159 9.53 -0.69 20.55
C ILE A 159 10.60 -1.65 21.02
N ALA A 160 10.20 -2.93 21.18
CA ALA A 160 11.10 -4.04 21.33
C ALA A 160 11.05 -4.97 20.12
N VAL A 161 12.22 -5.39 19.64
CA VAL A 161 12.35 -6.40 18.53
C VAL A 161 13.28 -7.50 18.94
N GLN A 162 13.08 -8.66 18.37
CA GLN A 162 13.94 -9.77 18.56
C GLN A 162 15.26 -9.45 17.94
N ASP A 163 16.33 -10.04 18.47
CA ASP A 163 17.66 -9.99 17.86
C ASP A 163 18.13 -11.43 17.82
N PRO A 164 18.37 -11.98 16.64
CA PRO A 164 18.33 -11.38 15.34
C PRO A 164 16.98 -10.82 14.89
N THR A 165 17.06 -9.79 14.04
CA THR A 165 15.99 -8.87 13.75
C THR A 165 15.62 -8.89 12.28
N PHE A 166 14.32 -8.95 12.04
CA PHE A 166 13.70 -8.84 10.71
C PHE A 166 13.67 -7.40 10.30
N PRO A 167 14.31 -7.05 9.18
CA PRO A 167 14.45 -5.62 8.78
C PRO A 167 13.16 -4.77 8.74
N ALA A 168 12.02 -5.37 8.43
CA ALA A 168 10.87 -4.55 8.16
C ALA A 168 10.45 -3.79 9.39
N TYR A 169 10.44 -4.48 10.54
CA TYR A 169 9.95 -3.89 11.75
C TYR A 169 10.84 -2.70 12.12
N ILE A 170 12.16 -2.88 12.00
CA ILE A 170 13.07 -1.91 12.58
C ILE A 170 13.17 -0.73 11.60
N ASP A 171 13.32 -1.01 10.30
CA ASP A 171 13.36 0.04 9.27
C ASP A 171 12.09 0.91 9.31
N SER A 172 10.91 0.30 9.49
CA SER A 172 9.69 1.06 9.45
C SER A 172 9.67 1.94 10.72
N SER A 173 10.19 1.42 11.81
CA SER A 173 10.23 2.15 13.07
C SER A 173 11.10 3.41 12.96
N VAL A 174 12.27 3.28 12.35
CA VAL A 174 13.17 4.38 12.15
C VAL A 174 12.51 5.43 11.26
N ILE A 175 11.94 4.98 10.14
CA ILE A 175 11.32 5.93 9.22
C ILE A 175 10.26 6.73 9.88
N ILE A 176 9.44 6.12 10.74
CA ILE A 176 8.37 6.88 11.28
C ILE A 176 8.78 7.77 12.46
N GLY A 177 9.98 7.56 12.99
CA GLY A 177 10.54 8.42 14.01
C GLY A 177 10.63 7.87 15.42
N GLN A 178 10.64 6.53 15.57
CA GLN A 178 10.55 5.94 16.91
C GLN A 178 11.93 5.72 17.55
N THR A 179 13.00 5.97 16.82
CA THR A 179 14.35 5.67 17.26
C THR A 179 15.32 6.90 17.27
N GLY A 180 16.51 6.71 17.84
CA GLY A 180 17.62 7.63 17.67
C GLY A 180 18.44 7.09 16.54
N HIS A 181 19.73 7.48 16.48
CA HIS A 181 20.64 7.04 15.43
C HIS A 181 21.15 5.63 15.70
N PHE A 182 21.81 5.07 14.70
CA PHE A 182 22.36 3.76 14.80
C PHE A 182 23.73 3.80 15.50
N HIS A 183 23.81 3.16 16.68
CA HIS A 183 25.00 3.11 17.50
C HIS A 183 25.93 2.04 16.93
N GLU A 184 26.90 2.50 16.14
CA GLU A 184 27.83 1.62 15.43
C GLU A 184 28.53 0.52 16.23
N LYS A 185 28.82 0.78 17.49
CA LYS A 185 29.62 -0.17 18.28
C LYS A 185 28.77 -1.35 18.69
N THR A 186 27.55 -1.07 19.20
CA THR A 186 26.60 -2.10 19.61
C THR A 186 25.80 -2.66 18.40
N LYS A 187 25.81 -1.96 17.28
CA LYS A 187 25.01 -2.32 16.13
C LYS A 187 23.51 -2.35 16.46
N LYS A 188 23.07 -1.33 17.17
CA LYS A 188 21.71 -1.19 17.60
C LYS A 188 21.31 0.25 17.40
N TYR A 189 20.05 0.49 17.00
CA TYR A 189 19.49 1.82 16.94
C TYR A 189 19.23 2.25 18.33
N GLN A 190 19.58 3.49 18.69
CA GLN A 190 19.24 4.01 20.02
C GLN A 190 17.71 4.05 20.24
N ASN A 191 17.30 3.94 21.50
CA ASN A 191 15.90 3.97 21.92
C ASN A 191 15.05 2.72 21.54
N VAL A 192 15.69 1.67 21.02
CA VAL A 192 15.01 0.39 20.67
C VAL A 192 15.54 -0.74 21.55
N VAL A 193 14.65 -1.50 22.12
CA VAL A 193 15.09 -2.65 22.89
C VAL A 193 15.24 -3.85 21.95
N TYR A 194 16.42 -4.45 21.99
CA TYR A 194 16.73 -5.62 21.25
C TYR A 194 16.74 -6.75 22.21
N MET A 195 16.04 -7.84 21.87
CA MET A 195 15.78 -8.96 22.81
C MET A 195 16.50 -10.20 22.28
N PRO A 196 17.63 -10.54 22.86
CA PRO A 196 18.34 -11.65 22.18
C PRO A 196 17.51 -12.94 22.26
N CYS A 197 17.47 -13.69 21.17
CA CYS A 197 16.81 -14.98 21.03
C CYS A 197 17.81 -15.87 20.36
N GLY A 198 18.23 -16.91 21.04
CA GLY A 198 19.21 -17.86 20.51
C GLY A 198 19.07 -19.20 21.25
N PRO A 199 19.89 -20.19 20.87
CA PRO A 199 19.84 -21.52 21.47
C PRO A 199 19.94 -21.50 23.00
N ASN A 200 20.76 -20.60 23.53
CA ASN A 200 20.92 -20.44 25.00
C ASN A 200 19.64 -20.12 25.81
N ASN A 201 18.61 -19.55 25.17
CA ASN A 201 17.35 -19.20 25.82
C ASN A 201 16.14 -19.75 25.04
N SER A 202 16.37 -20.85 24.34
CA SER A 202 15.41 -21.43 23.36
C SER A 202 14.64 -20.34 22.64
N PHE A 203 15.41 -19.43 22.05
CA PHE A 203 14.93 -18.43 21.11
C PHE A 203 13.72 -17.76 21.74
N PHE A 204 13.80 -17.49 23.03
CA PHE A 204 12.74 -16.73 23.62
C PHE A 204 13.33 -15.77 24.61
N PRO A 205 12.95 -14.50 24.55
CA PRO A 205 13.65 -13.50 25.35
C PRO A 205 13.48 -13.69 26.84
N ASP A 206 14.52 -13.28 27.54
CA ASP A 206 14.61 -13.43 28.97
C ASP A 206 13.89 -12.21 29.50
N LEU A 207 12.70 -12.39 30.05
CA LEU A 207 11.88 -11.27 30.37
C LEU A 207 12.45 -10.44 31.49
N ALA A 208 13.31 -11.04 32.31
CA ALA A 208 13.93 -10.33 33.43
C ALA A 208 14.94 -9.32 32.92
N MET A 209 15.42 -9.48 31.69
CA MET A 209 16.41 -8.56 31.16
C MET A 209 15.87 -7.68 30.04
N THR A 210 14.55 -7.65 29.90
CA THR A 210 13.90 -6.97 28.82
C THR A 210 13.17 -5.75 29.37
N PRO A 211 13.68 -4.55 29.05
CA PRO A 211 13.04 -3.36 29.63
C PRO A 211 11.67 -3.18 29.03
N ARG A 212 10.78 -2.43 29.68
CA ARG A 212 9.44 -2.29 29.20
C ARG A 212 9.38 -1.37 27.97
N THR A 213 8.47 -1.68 27.04
CA THR A 213 8.26 -0.85 25.84
C THR A 213 6.76 -0.67 25.64
N ASP A 214 6.42 0.25 24.76
CA ASP A 214 5.04 0.38 24.37
C ASP A 214 4.59 -0.77 23.47
N VAL A 215 5.49 -1.20 22.60
CA VAL A 215 5.20 -2.18 21.61
C VAL A 215 6.28 -3.25 21.61
N ILE A 216 5.85 -4.50 21.49
CA ILE A 216 6.75 -5.62 21.25
C ILE A 216 6.45 -6.27 19.94
N PHE A 217 7.42 -6.27 19.03
CA PHE A 217 7.36 -7.07 17.81
C PHE A 217 7.85 -8.49 18.06
N PHE A 218 7.04 -9.47 17.66
CA PHE A 218 7.37 -10.89 17.82
C PHE A 218 6.94 -11.65 16.58
N CYS A 219 7.89 -12.28 15.96
CA CYS A 219 7.68 -13.04 14.79
C CYS A 219 7.81 -14.51 15.16
N SER A 220 6.75 -15.26 14.93
CA SER A 220 6.79 -16.71 15.16
C SER A 220 5.89 -17.42 14.13
N PRO A 221 6.44 -18.35 13.31
CA PRO A 221 7.82 -18.77 13.24
C PRO A 221 8.73 -17.65 12.78
N ASN A 222 9.91 -17.62 13.40
CA ASN A 222 10.77 -16.49 13.28
C ASN A 222 11.46 -16.47 11.98
N ASN A 223 11.69 -15.26 11.43
CA ASN A 223 12.71 -15.05 10.36
C ASN A 223 13.72 -14.16 11.05
N PRO A 224 14.99 -14.58 11.15
CA PRO A 224 15.65 -15.67 10.43
C PRO A 224 15.79 -17.07 11.11
N THR A 225 15.43 -17.24 12.36
CA THR A 225 15.85 -18.49 13.09
C THR A 225 15.00 -19.70 12.85
N GLY A 226 13.76 -19.47 12.40
CA GLY A 226 12.77 -20.54 12.14
C GLY A 226 12.09 -21.07 13.39
N TYR A 227 12.40 -20.52 14.55
CA TYR A 227 11.83 -21.02 15.78
C TYR A 227 10.35 -20.60 15.95
N VAL A 228 9.50 -21.52 16.33
CA VAL A 228 8.10 -21.25 16.68
C VAL A 228 7.98 -21.29 18.20
N ALA A 229 7.51 -20.17 18.79
CA ALA A 229 7.35 -20.12 20.23
C ALA A 229 6.31 -21.14 20.61
N SER A 230 6.39 -21.64 21.82
CA SER A 230 5.50 -22.66 22.34
C SER A 230 4.32 -21.98 23.00
N ARG A 231 3.27 -22.76 23.27
CA ARG A 231 2.11 -22.28 24.04
C ARG A 231 2.49 -21.65 25.37
N LYS A 232 3.40 -22.28 26.08
CA LYS A 232 3.84 -21.75 27.39
C LYS A 232 4.60 -20.46 27.23
N GLN A 233 5.49 -20.37 26.23
CA GLN A 233 6.21 -19.09 25.99
C GLN A 233 5.29 -17.93 25.65
N LEU A 234 4.35 -18.20 24.74
CA LEU A 234 3.35 -17.21 24.31
C LEU A 234 2.48 -16.75 25.49
N HIS A 235 2.11 -17.68 26.35
CA HIS A 235 1.38 -17.32 27.58
C HIS A 235 2.20 -16.31 28.37
N GLN A 236 3.49 -16.58 28.53
CA GLN A 236 4.32 -15.67 29.31
C GLN A 236 4.41 -14.34 28.63
N LEU A 237 4.51 -14.34 27.32
CA LEU A 237 4.69 -13.07 26.57
C LEU A 237 3.40 -12.24 26.73
N VAL A 238 2.25 -12.88 26.61
CA VAL A 238 0.97 -12.17 26.76
C VAL A 238 0.87 -11.56 28.16
N ASP A 239 1.21 -12.34 29.17
CA ASP A 239 1.21 -11.84 30.56
C ASP A 239 2.21 -10.68 30.73
N PHE A 240 3.43 -10.82 30.19
CA PHE A 240 4.42 -9.77 30.25
C PHE A 240 3.81 -8.51 29.65
N ALA A 241 3.16 -8.67 28.50
CA ALA A 241 2.57 -7.51 27.86
C ALA A 241 1.49 -6.88 28.72
N LYS A 242 0.57 -7.70 29.27
CA LYS A 242 -0.47 -7.20 30.16
C LYS A 242 0.11 -6.40 31.34
N THR A 243 1.12 -6.99 31.99
CA THR A 243 1.77 -6.41 33.11
C THR A 243 2.44 -5.11 32.74
N ASN A 244 3.05 -5.03 31.55
CA ASN A 244 3.70 -3.77 31.13
C ASN A 244 2.78 -2.75 30.42
N GLY A 245 1.53 -3.11 30.15
CA GLY A 245 0.62 -2.31 29.29
C GLY A 245 1.16 -2.09 27.88
N SER A 246 1.84 -3.09 27.35
CA SER A 246 2.40 -3.06 26.00
C SER A 246 1.42 -3.66 25.02
N ILE A 247 1.58 -3.37 23.75
CA ILE A 247 0.97 -4.21 22.76
C ILE A 247 1.99 -5.04 22.04
N ILE A 248 1.52 -6.20 21.55
CA ILE A 248 2.37 -7.12 20.77
C ILE A 248 1.96 -7.03 19.35
N ILE A 249 2.89 -6.87 18.41
CA ILE A 249 2.58 -7.05 17.03
C ILE A 249 3.17 -8.43 16.76
N PHE A 250 2.30 -9.39 16.46
CA PHE A 250 2.71 -10.80 16.30
C PHE A 250 2.59 -11.14 14.81
N ASP A 251 3.72 -11.54 14.20
CA ASP A 251 3.81 -11.81 12.80
C ASP A 251 3.75 -13.32 12.58
N SER A 252 2.62 -13.77 12.04
CA SER A 252 2.40 -15.22 11.80
C SER A 252 2.48 -15.58 10.35
N ALA A 253 3.19 -14.79 9.54
CA ALA A 253 3.31 -15.12 8.14
C ALA A 253 3.81 -16.51 7.79
N TYR A 254 4.53 -17.17 8.68
CA TYR A 254 5.03 -18.48 8.42
C TYR A 254 4.24 -19.59 9.11
N ALA A 255 3.08 -19.25 9.69
CA ALA A 255 2.35 -20.23 10.52
C ALA A 255 2.02 -21.52 9.79
N ALA A 256 1.70 -21.41 8.54
CA ALA A 256 1.30 -22.56 7.77
C ALA A 256 2.40 -23.62 7.66
N PHE A 257 3.64 -23.30 8.08
CA PHE A 257 4.80 -24.19 7.94
C PHE A 257 5.00 -24.95 9.24
N ILE A 258 4.25 -24.57 10.25
CA ILE A 258 4.34 -25.26 11.53
C ILE A 258 3.86 -26.71 11.42
N GLU A 259 4.69 -27.66 11.89
CA GLU A 259 4.44 -29.10 11.79
C GLU A 259 4.31 -29.77 13.18
N ASP A 260 4.91 -29.16 14.22
CA ASP A 260 4.67 -29.46 15.64
C ASP A 260 3.19 -29.27 15.80
N GLY A 261 2.75 -29.34 17.04
CA GLY A 261 1.47 -28.81 17.42
C GLY A 261 1.58 -27.49 18.18
N SER A 262 2.62 -26.73 17.85
CA SER A 262 2.80 -25.42 18.42
C SER A 262 1.71 -24.49 17.89
N PRO A 263 1.43 -23.42 18.63
CA PRO A 263 0.35 -22.56 18.20
C PRO A 263 0.65 -21.76 16.92
N ARG A 264 -0.42 -21.46 16.16
CA ARG A 264 -0.30 -20.80 14.85
C ARG A 264 -0.70 -19.36 14.96
N SER A 265 -1.57 -19.03 15.90
CA SER A 265 -1.94 -17.68 16.17
C SER A 265 -1.82 -17.39 17.67
N ILE A 266 -1.47 -16.17 17.99
CA ILE A 266 -1.36 -15.75 19.36
C ILE A 266 -2.71 -15.68 20.05
N TYR A 267 -3.79 -15.68 19.26
CA TYR A 267 -5.09 -15.67 19.88
C TYR A 267 -5.47 -17.06 20.39
N GLU A 268 -4.61 -18.06 20.21
CA GLU A 268 -4.76 -19.32 20.98
C GLU A 268 -4.54 -19.11 22.50
N ILE A 269 -3.95 -17.98 22.91
CA ILE A 269 -3.68 -17.71 24.27
C ILE A 269 -4.82 -16.87 24.82
N PRO A 270 -5.46 -17.33 25.93
CA PRO A 270 -6.56 -16.52 26.45
C PRO A 270 -6.04 -15.18 26.86
N GLY A 271 -6.84 -14.15 26.64
CA GLY A 271 -6.39 -12.77 26.93
C GLY A 271 -5.48 -12.13 25.90
N ALA A 272 -5.00 -12.87 24.90
CA ALA A 272 -4.18 -12.24 23.85
C ALA A 272 -4.89 -11.10 23.16
N ARG A 273 -6.21 -11.23 23.09
CA ARG A 273 -7.06 -10.28 22.42
C ARG A 273 -7.09 -8.91 23.05
N GLU A 274 -6.58 -8.79 24.27
CA GLU A 274 -6.53 -7.50 24.94
C GLU A 274 -5.18 -6.82 24.72
N VAL A 275 -4.19 -7.54 24.18
CA VAL A 275 -2.83 -6.98 23.97
C VAL A 275 -2.24 -7.14 22.59
N ALA A 276 -2.80 -8.01 21.72
CA ALA A 276 -2.06 -8.33 20.52
C ALA A 276 -2.79 -8.00 19.24
N ILE A 277 -2.01 -7.49 18.26
CA ILE A 277 -2.38 -7.38 16.87
C ILE A 277 -1.60 -8.46 16.17
N GLU A 278 -2.24 -9.17 15.23
CA GLU A 278 -1.57 -10.22 14.44
C GLU A 278 -1.52 -9.83 12.98
N VAL A 279 -0.37 -10.03 12.37
CA VAL A 279 -0.14 -9.69 10.96
C VAL A 279 0.27 -10.94 10.18
N SER A 280 -0.19 -11.08 8.95
CA SER A 280 0.07 -12.33 8.24
C SER A 280 -0.05 -12.11 6.79
N SER A 281 0.13 -13.17 6.03
CA SER A 281 0.28 -12.99 4.59
C SER A 281 -0.01 -14.24 3.82
N PHE A 282 -0.49 -14.06 2.60
CA PHE A 282 -0.55 -15.17 1.67
C PHE A 282 0.79 -15.41 0.98
N SER A 283 1.79 -14.58 1.23
CA SER A 283 3.01 -14.62 0.40
C SER A 283 3.78 -15.95 0.42
N LYS A 284 4.10 -16.44 1.59
CA LYS A 284 4.88 -17.62 1.75
C LYS A 284 4.02 -18.87 1.90
N PHE A 285 2.91 -18.74 2.64
CA PHE A 285 1.78 -19.67 2.62
C PHE A 285 1.40 -20.18 1.20
N ALA A 286 1.17 -19.31 0.21
CA ALA A 286 0.61 -19.74 -1.09
C ALA A 286 1.39 -19.27 -2.30
N GLY A 287 2.56 -18.71 -2.12
CA GLY A 287 3.31 -18.14 -3.25
C GLY A 287 2.80 -16.84 -3.85
N PHE A 288 1.99 -16.11 -3.11
CA PHE A 288 1.48 -14.79 -3.53
C PHE A 288 2.46 -13.60 -3.36
N THR A 289 3.78 -13.88 -3.35
CA THR A 289 4.77 -12.87 -3.11
C THR A 289 4.66 -11.73 -4.11
N GLY A 290 4.45 -12.07 -5.38
CA GLY A 290 4.21 -11.12 -6.45
C GLY A 290 2.74 -10.73 -6.69
N VAL A 291 1.80 -11.48 -6.15
CA VAL A 291 0.36 -11.16 -6.30
C VAL A 291 -0.08 -10.12 -5.28
N ARG A 292 0.50 -10.18 -4.07
CA ARG A 292 0.30 -9.14 -3.01
C ARG A 292 -1.07 -9.25 -2.29
N LEU A 293 -1.08 -9.94 -1.14
CA LEU A 293 -2.26 -10.17 -0.29
C LEU A 293 -1.88 -10.64 1.11
N GLY A 294 -2.43 -10.01 2.12
CA GLY A 294 -2.24 -10.44 3.49
C GLY A 294 -3.38 -9.90 4.33
N TRP A 295 -3.18 -9.92 5.64
CA TRP A 295 -4.10 -9.29 6.52
C TRP A 295 -3.48 -9.01 7.86
N SER A 296 -4.22 -8.23 8.63
CA SER A 296 -3.99 -8.01 10.03
C SER A 296 -5.25 -8.23 10.82
N ILE A 297 -5.11 -8.58 12.08
CA ILE A 297 -6.24 -8.66 12.97
C ILE A 297 -6.06 -7.61 14.04
N ILE A 298 -7.09 -6.79 14.25
CA ILE A 298 -7.15 -5.81 15.34
C ILE A 298 -8.36 -6.10 16.20
N PRO A 299 -8.19 -6.79 17.32
CA PRO A 299 -9.35 -7.14 18.12
C PRO A 299 -10.13 -5.91 18.63
N ASP A 300 -11.44 -6.00 18.58
CA ASP A 300 -12.40 -5.21 19.41
C ASP A 300 -11.89 -4.75 20.74
N GLU A 301 -11.23 -5.68 21.47
CA GLU A 301 -10.93 -5.51 22.89
C GLU A 301 -9.61 -4.81 23.15
N LEU A 302 -8.93 -4.39 22.10
CA LEU A 302 -7.58 -3.86 22.23
C LEU A 302 -7.72 -2.38 22.48
N LEU A 303 -7.34 -1.89 23.65
CA LEU A 303 -7.61 -0.49 23.99
C LEU A 303 -6.37 0.36 24.27
N TYR A 304 -6.46 1.64 23.95
CA TYR A 304 -5.42 2.59 24.32
C TYR A 304 -5.58 2.93 25.83
N SER A 305 -4.58 3.66 26.37
CA SER A 305 -4.53 4.31 27.73
C SER A 305 -5.91 4.66 28.20
N ASN A 306 -6.57 5.40 27.33
CA ASN A 306 -7.74 6.15 27.62
C ASN A 306 -9.01 5.35 27.32
N GLY A 307 -8.89 4.04 27.06
CA GLY A 307 -10.04 3.18 26.80
C GLY A 307 -10.60 3.16 25.36
N PHE A 308 -10.10 3.99 24.45
CA PHE A 308 -10.57 3.99 23.05
C PHE A 308 -10.12 2.72 22.31
N PRO A 309 -11.04 2.03 21.60
CA PRO A 309 -10.59 0.87 20.82
C PRO A 309 -9.62 1.28 19.73
N ILE A 310 -8.52 0.56 19.66
CA ILE A 310 -7.51 0.80 18.61
C ILE A 310 -8.14 0.52 17.23
N ILE A 311 -9.07 -0.44 17.19
CA ILE A 311 -9.67 -0.79 15.89
C ILE A 311 -10.32 0.38 15.22
N ASN A 312 -10.85 1.32 15.98
CA ASN A 312 -11.51 2.46 15.33
C ASN A 312 -10.51 3.26 14.57
N ASP A 313 -9.32 3.41 15.12
CA ASP A 313 -8.30 4.23 14.48
C ASP A 313 -7.56 3.53 13.38
N PHE A 314 -7.45 2.22 13.44
CA PHE A 314 -6.79 1.56 12.32
C PHE A 314 -7.72 1.73 11.09
N HIS A 315 -9.03 1.65 11.30
CA HIS A 315 -9.99 1.89 10.24
C HIS A 315 -9.72 3.20 9.57
N ARG A 316 -9.42 4.23 10.35
CA ARG A 316 -9.16 5.57 9.80
C ARG A 316 -7.82 5.60 9.14
N ILE A 317 -6.83 4.92 9.70
CA ILE A 317 -5.54 4.82 8.97
C ILE A 317 -5.77 4.13 7.60
N VAL A 318 -6.59 3.07 7.58
CA VAL A 318 -6.76 2.26 6.35
C VAL A 318 -7.50 3.08 5.30
N THR A 319 -8.58 3.72 5.73
CA THR A 319 -9.31 4.64 4.86
C THR A 319 -8.47 5.76 4.25
N THR A 320 -7.52 6.25 5.01
CA THR A 320 -6.71 7.38 4.61
C THR A 320 -5.50 7.01 3.74
N SER A 321 -4.92 5.86 3.99
CA SER A 321 -3.67 5.52 3.34
C SER A 321 -3.79 4.38 2.39
N PHE A 322 -4.98 3.87 2.16
CA PHE A 322 -5.13 2.65 1.36
C PHE A 322 -6.48 2.60 0.67
N ASN A 323 -6.54 2.07 -0.52
CA ASN A 323 -7.84 1.86 -1.19
C ASN A 323 -8.18 0.39 -1.40
N GLY A 324 -7.55 -0.49 -0.67
CA GLY A 324 -7.87 -1.94 -0.76
C GLY A 324 -6.82 -2.73 -1.46
N ALA A 325 -6.81 -4.00 -1.16
CA ALA A 325 -5.98 -4.91 -1.96
C ALA A 325 -6.63 -5.06 -3.33
N SER A 326 -5.86 -5.47 -4.32
CA SER A 326 -6.42 -5.70 -5.66
C SER A 326 -7.59 -6.68 -5.66
N ASN A 327 -8.69 -6.32 -6.34
CA ASN A 327 -9.87 -7.24 -6.36
C ASN A 327 -9.53 -8.60 -6.94
N ILE A 328 -8.60 -8.64 -7.90
CA ILE A 328 -8.16 -9.93 -8.45
C ILE A 328 -7.41 -10.80 -7.41
N ALA A 329 -6.46 -10.19 -6.73
CA ALA A 329 -5.75 -10.86 -5.65
C ALA A 329 -6.74 -11.32 -4.59
N GLN A 330 -7.75 -10.53 -4.28
CA GLN A 330 -8.68 -10.95 -3.20
C GLN A 330 -9.48 -12.19 -3.65
N ALA A 331 -9.80 -12.27 -4.93
CA ALA A 331 -10.41 -13.46 -5.47
C ALA A 331 -9.47 -14.66 -5.33
N GLY A 332 -8.21 -14.47 -5.62
CA GLY A 332 -7.24 -15.57 -5.47
C GLY A 332 -7.15 -16.06 -4.04
N GLY A 333 -7.15 -15.11 -3.11
CA GLY A 333 -7.05 -15.40 -1.69
C GLY A 333 -8.20 -16.27 -1.21
N LEU A 334 -9.40 -15.92 -1.65
CA LEU A 334 -10.62 -16.65 -1.29
C LEU A 334 -10.56 -18.07 -1.82
N ALA A 335 -10.19 -18.24 -3.07
CA ALA A 335 -9.88 -19.57 -3.63
C ALA A 335 -8.80 -20.35 -2.89
N CYS A 336 -7.83 -19.66 -2.24
CA CYS A 336 -6.81 -20.36 -1.42
C CYS A 336 -7.44 -21.06 -0.24
N LEU A 337 -8.52 -20.47 0.28
CA LEU A 337 -9.08 -20.92 1.52
C LEU A 337 -10.30 -21.84 1.35
N SER A 338 -10.62 -22.23 0.11
CA SER A 338 -11.53 -23.38 -0.13
C SER A 338 -10.81 -24.67 0.24
N SER A 339 -11.59 -25.70 0.55
CA SER A 339 -11.00 -26.95 1.01
C SER A 339 -10.15 -27.54 -0.14
N GLY A 340 -10.57 -27.32 -1.39
CA GLY A 340 -9.77 -27.63 -2.56
C GLY A 340 -8.49 -26.79 -2.67
N GLY A 341 -8.59 -25.48 -2.43
CA GLY A 341 -7.39 -24.61 -2.44
C GLY A 341 -6.34 -25.04 -1.42
N LEU A 342 -6.78 -25.19 -0.19
CA LEU A 342 -5.93 -25.65 0.93
C LEU A 342 -5.26 -26.99 0.69
N LYS A 343 -5.97 -27.91 0.05
CA LYS A 343 -5.40 -29.21 -0.21
C LYS A 343 -4.24 -28.99 -1.21
N GLU A 344 -4.48 -28.23 -2.25
CA GLU A 344 -3.46 -28.02 -3.28
C GLU A 344 -2.27 -27.23 -2.76
N ILE A 345 -2.54 -26.25 -1.91
CA ILE A 345 -1.44 -25.46 -1.31
C ILE A 345 -0.61 -26.36 -0.39
N ARG A 346 -1.28 -27.20 0.41
CA ARG A 346 -0.61 -28.11 1.34
C ARG A 346 0.40 -28.95 0.55
N SER A 347 -0.02 -29.37 -0.64
CA SER A 347 0.81 -30.20 -1.49
C SER A 347 2.07 -29.51 -2.06
N VAL A 348 1.95 -28.24 -2.46
CA VAL A 348 3.14 -27.44 -2.78
C VAL A 348 4.04 -27.30 -1.55
N ASN A 349 3.44 -27.04 -0.40
CA ASN A 349 4.25 -26.91 0.85
C ASN A 349 4.92 -28.21 1.30
N ASN A 350 4.36 -29.37 0.92
CA ASN A 350 5.06 -30.66 1.16
C ASN A 350 6.30 -30.81 0.32
N TYR A 351 6.24 -30.34 -0.93
CA TYR A 351 7.46 -30.29 -1.78
C TYR A 351 8.55 -29.55 -1.06
N TYR A 352 8.24 -28.36 -0.53
CA TYR A 352 9.24 -27.57 0.22
C TYR A 352 9.65 -28.29 1.49
N LYS A 353 8.69 -28.94 2.15
CA LYS A 353 8.99 -29.65 3.37
C LYS A 353 10.00 -30.81 3.07
N GLU A 354 9.84 -31.50 1.94
CA GLU A 354 10.78 -32.53 1.52
C GLU A 354 12.14 -31.93 1.23
N ASN A 355 12.20 -30.71 0.69
CA ASN A 355 13.48 -30.10 0.43
C ASN A 355 14.18 -29.82 1.71
N ARG A 356 13.46 -29.25 2.67
CA ARG A 356 14.11 -28.94 3.92
C ARG A 356 14.68 -30.20 4.55
N LYS A 357 13.93 -31.29 4.50
CA LYS A 357 14.40 -32.56 5.04
C LYS A 357 15.73 -32.96 4.35
N ILE A 358 15.79 -32.90 3.01
CA ILE A 358 17.08 -33.23 2.34
C ILE A 358 18.20 -32.44 3.01
N LEU A 359 18.02 -31.12 3.13
CA LEU A 359 19.08 -30.23 3.63
C LEU A 359 19.39 -30.46 5.08
N MET A 360 18.35 -30.60 5.87
CA MET A 360 18.60 -30.79 7.28
C MET A 360 19.34 -32.09 7.51
N ASP A 361 18.89 -33.17 6.85
CA ASP A 361 19.49 -34.48 7.08
C ASP A 361 20.93 -34.38 6.64
N THR A 362 21.21 -33.65 5.55
CA THR A 362 22.61 -33.56 5.07
C THR A 362 23.47 -32.82 6.06
N LEU A 363 23.02 -31.64 6.48
CA LEU A 363 23.81 -30.78 7.29
C LEU A 363 24.05 -31.42 8.63
N VAL A 364 23.01 -32.00 9.20
CA VAL A 364 23.10 -32.63 10.51
C VAL A 364 23.94 -33.90 10.42
N SER A 365 23.78 -34.67 9.35
CA SER A 365 24.57 -35.88 9.19
C SER A 365 26.09 -35.54 9.12
N LEU A 366 26.41 -34.28 8.85
CA LEU A 366 27.79 -33.86 8.78
C LEU A 366 28.26 -33.19 10.02
N GLY A 367 27.46 -33.16 11.06
CA GLY A 367 27.93 -32.59 12.30
C GLY A 367 27.73 -31.11 12.49
N LEU A 368 26.90 -30.46 11.66
CA LEU A 368 26.61 -29.04 11.86
C LEU A 368 25.46 -28.87 12.81
N LYS A 369 25.47 -27.76 13.53
CA LYS A 369 24.41 -27.46 14.46
C LYS A 369 23.34 -26.67 13.71
N VAL A 370 22.23 -27.33 13.47
CA VAL A 370 21.19 -26.79 12.64
C VAL A 370 19.99 -26.44 13.50
N TYR A 371 19.58 -25.16 13.55
CA TYR A 371 18.29 -24.81 14.20
C TYR A 371 17.28 -24.52 13.15
N GLY A 372 16.05 -24.36 13.61
CA GLY A 372 14.97 -24.11 12.72
C GLY A 372 14.65 -25.29 11.83
N GLY A 373 14.12 -25.02 10.63
CA GLY A 373 13.86 -26.08 9.64
C GLY A 373 12.58 -26.87 9.76
N VAL A 374 12.08 -27.03 10.96
CA VAL A 374 10.98 -27.96 11.25
C VAL A 374 9.64 -27.27 11.03
N ASN A 375 9.54 -26.05 11.53
CA ASN A 375 8.35 -25.27 11.54
C ASN A 375 8.44 -24.03 10.72
N ALA A 376 9.44 -23.96 9.85
CA ALA A 376 9.62 -22.80 9.00
C ALA A 376 10.44 -23.17 7.82
N PRO A 377 10.38 -22.36 6.78
CA PRO A 377 11.18 -22.76 5.64
C PRO A 377 12.66 -22.44 5.78
N TYR A 378 13.09 -21.87 6.91
CA TYR A 378 14.49 -21.46 7.11
C TYR A 378 15.26 -22.30 8.13
N LEU A 379 16.44 -22.75 7.71
CA LEU A 379 17.44 -23.31 8.62
C LEU A 379 18.40 -22.26 9.09
N TRP A 380 18.79 -22.35 10.33
CA TRP A 380 19.61 -21.39 11.00
C TRP A 380 20.76 -22.15 11.57
N VAL A 381 21.89 -22.09 10.90
CA VAL A 381 23.02 -22.98 11.13
C VAL A 381 24.17 -22.24 11.84
N HIS A 382 24.60 -22.78 12.95
CA HIS A 382 25.56 -22.13 13.84
C HIS A 382 26.98 -22.61 13.49
N PHE A 383 27.88 -21.69 13.27
CA PHE A 383 29.33 -21.99 13.15
C PHE A 383 30.10 -21.31 14.31
N LYS A 384 30.08 -21.93 15.47
CA LYS A 384 30.57 -21.29 16.69
C LYS A 384 32.02 -20.95 16.44
N GLY A 385 32.41 -19.74 16.78
CA GLY A 385 33.78 -19.27 16.56
C GLY A 385 34.05 -18.61 15.21
N SER A 386 33.14 -18.71 14.25
CA SER A 386 33.38 -18.09 12.96
C SER A 386 32.45 -16.88 12.69
N LYS A 387 32.97 -15.85 11.99
CA LYS A 387 32.14 -14.73 11.46
C LYS A 387 31.27 -15.27 10.29
N SER A 388 30.01 -14.83 10.28
CA SER A 388 29.06 -15.23 9.28
C SER A 388 29.57 -15.04 7.89
N TRP A 389 30.20 -13.89 7.65
CA TRP A 389 30.70 -13.55 6.35
C TRP A 389 31.87 -14.43 5.91
N ASP A 390 32.69 -14.91 6.86
CA ASP A 390 33.85 -15.74 6.47
C ASP A 390 33.32 -17.12 6.08
N VAL A 391 32.27 -17.58 6.77
CA VAL A 391 31.63 -18.88 6.38
C VAL A 391 30.95 -18.75 5.03
N PHE A 392 30.25 -17.63 4.84
CA PHE A 392 29.66 -17.31 3.56
C PHE A 392 30.73 -17.42 2.46
N ASN A 393 31.88 -16.78 2.72
CA ASN A 393 33.01 -16.74 1.76
C ASN A 393 33.51 -18.14 1.46
N GLU A 394 33.76 -18.91 2.50
CA GLU A 394 34.19 -20.29 2.35
C GLU A 394 33.25 -21.12 1.52
N ILE A 395 31.98 -21.05 1.85
CA ILE A 395 31.00 -21.87 1.18
C ILE A 395 30.85 -21.39 -0.24
N LEU A 396 30.82 -20.08 -0.44
CA LEU A 396 30.74 -19.55 -1.82
C LEU A 396 31.96 -19.98 -2.69
N GLU A 397 33.18 -19.79 -2.17
CA GLU A 397 34.43 -20.12 -2.94
C GLU A 397 34.60 -21.59 -3.21
N ASN A 398 34.23 -22.47 -2.27
CA ASN A 398 34.49 -23.88 -2.43
C ASN A 398 33.34 -24.66 -2.99
N THR A 399 32.12 -24.19 -2.85
CA THR A 399 30.98 -24.94 -3.36
C THR A 399 30.10 -24.17 -4.30
N HIS A 400 30.35 -22.86 -4.47
CA HIS A 400 29.57 -22.07 -5.43
C HIS A 400 28.12 -22.08 -4.99
N ILE A 401 27.94 -21.98 -3.68
CA ILE A 401 26.61 -21.84 -3.06
C ILE A 401 26.50 -20.53 -2.29
N ILE A 402 25.35 -19.87 -2.44
CA ILE A 402 25.03 -18.64 -1.73
C ILE A 402 24.12 -18.96 -0.53
N THR A 403 24.49 -18.43 0.63
CA THR A 403 23.72 -18.48 1.83
C THR A 403 23.56 -17.03 2.34
N VAL A 404 22.90 -16.85 3.48
CA VAL A 404 22.68 -15.54 4.06
C VAL A 404 23.39 -15.40 5.37
N PRO A 405 24.29 -14.45 5.45
CA PRO A 405 25.03 -14.24 6.64
C PRO A 405 24.17 -13.74 7.78
N GLY A 406 24.21 -14.44 8.91
CA GLY A 406 23.33 -14.14 10.01
C GLY A 406 23.59 -12.77 10.56
N SER A 407 24.86 -12.38 10.57
CA SER A 407 25.35 -10.99 10.84
C SER A 407 24.46 -9.91 10.26
N GLY A 408 24.00 -10.13 9.04
CA GLY A 408 23.08 -9.22 8.41
C GLY A 408 21.82 -8.88 9.20
N PHE A 409 21.40 -9.80 10.07
CA PHE A 409 20.17 -9.59 10.86
C PHE A 409 20.47 -9.01 12.23
N GLY A 410 21.72 -8.56 12.46
CA GLY A 410 22.07 -7.98 13.72
C GLY A 410 23.05 -8.87 14.46
N PRO A 411 23.47 -8.41 15.62
CA PRO A 411 24.57 -9.07 16.38
C PRO A 411 24.22 -10.46 16.88
N GLY A 412 22.95 -10.71 17.21
CA GLY A 412 22.50 -12.05 17.60
C GLY A 412 22.54 -13.05 16.45
N GLY A 413 22.73 -12.57 15.22
CA GLY A 413 22.94 -13.46 14.07
C GLY A 413 24.39 -13.78 13.74
N GLU A 414 25.29 -13.10 14.42
CA GLU A 414 26.73 -13.30 14.19
C GLU A 414 27.04 -14.77 14.48
N GLU A 415 27.81 -15.37 13.58
CA GLU A 415 28.20 -16.79 13.71
C GLU A 415 27.18 -17.78 13.13
N TYR A 416 26.06 -17.28 12.61
CA TYR A 416 25.12 -18.16 11.93
C TYR A 416 24.95 -17.84 10.46
N LEU A 417 24.38 -18.80 9.74
CA LEU A 417 23.87 -18.61 8.39
C LEU A 417 22.43 -19.06 8.33
N ARG A 418 21.65 -18.31 7.56
CA ARG A 418 20.32 -18.69 7.22
C ARG A 418 20.33 -19.30 5.86
N ILE A 419 19.62 -20.40 5.76
CA ILE A 419 19.58 -21.21 4.54
C ILE A 419 18.12 -21.56 4.24
N SER A 420 17.73 -21.49 2.99
CA SER A 420 16.33 -21.58 2.61
C SER A 420 16.02 -22.96 2.01
N GLY A 421 14.84 -23.52 2.35
CA GLY A 421 14.35 -24.71 1.65
C GLY A 421 13.43 -24.47 0.50
N PHE A 422 13.14 -23.21 0.16
CA PHE A 422 12.46 -22.93 -1.12
C PHE A 422 13.41 -23.26 -2.21
N GLY A 423 12.94 -23.39 -3.42
CA GLY A 423 13.88 -23.80 -4.48
C GLY A 423 13.50 -25.14 -5.08
N ARG A 424 14.09 -25.41 -6.25
CA ARG A 424 13.78 -26.61 -6.96
C ARG A 424 14.56 -27.78 -6.35
N ARG A 425 13.93 -28.95 -6.39
CA ARG A 425 14.48 -30.13 -5.80
C ARG A 425 15.88 -30.43 -6.27
N ASP A 426 16.06 -30.44 -7.57
CA ASP A 426 17.38 -30.73 -8.15
C ASP A 426 18.50 -29.72 -7.68
N HIS A 427 18.14 -28.49 -7.34
CA HIS A 427 19.10 -27.57 -6.74
C HIS A 427 19.35 -27.94 -5.29
N ILE A 428 18.33 -28.35 -4.58
CA ILE A 428 18.56 -28.79 -3.21
C ILE A 428 19.51 -29.99 -3.18
N VAL A 429 19.22 -30.94 -4.03
CA VAL A 429 20.04 -32.17 -4.15
C VAL A 429 21.50 -31.90 -4.49
N GLU A 430 21.73 -31.10 -5.55
CA GLU A 430 23.04 -30.75 -5.97
C GLU A 430 23.78 -29.98 -4.86
N ALA A 431 23.12 -29.01 -4.27
CA ALA A 431 23.76 -28.29 -3.19
C ALA A 431 24.08 -29.24 -2.03
N SER A 432 23.21 -30.22 -1.82
CA SER A 432 23.44 -31.14 -0.73
C SER A 432 24.69 -32.00 -1.03
N LYS A 433 24.84 -32.39 -2.30
CA LYS A 433 25.98 -33.16 -2.75
C LYS A 433 27.27 -32.34 -2.54
N ARG A 434 27.24 -31.08 -2.93
CA ARG A 434 28.44 -30.30 -2.85
C ARG A 434 28.85 -30.07 -1.42
N LEU A 435 27.87 -29.80 -0.55
CA LEU A 435 28.20 -29.61 0.88
C LEU A 435 28.75 -30.91 1.48
N GLN A 436 28.19 -32.05 1.10
CA GLN A 436 28.72 -33.35 1.51
C GLN A 436 30.21 -33.44 1.17
N ASN A 437 30.56 -33.16 -0.09
CA ASN A 437 31.95 -33.20 -0.53
C ASN A 437 32.84 -32.19 0.21
N PHE A 438 32.32 -30.99 0.44
CA PHE A 438 33.10 -29.98 1.10
C PHE A 438 33.35 -30.26 2.57
N PHE A 439 32.30 -30.50 3.34
CA PHE A 439 32.41 -30.70 4.80
C PHE A 439 32.99 -32.03 5.23
N ASN A 440 32.93 -33.07 4.40
CA ASN A 440 33.85 -34.21 4.57
C ASN A 440 35.34 -33.84 4.49
N GLY B 34 -10.50 -4.55 30.32
CA GLY B 34 -8.99 -4.46 30.40
C GLY B 34 -8.34 -3.53 29.37
N SER B 35 -7.73 -2.45 29.86
CA SER B 35 -7.01 -1.50 29.00
C SER B 35 -5.45 -1.68 28.97
N THR B 36 -4.82 -0.98 28.04
CA THR B 36 -3.39 -1.00 27.76
C THR B 36 -2.81 0.36 28.25
N LYS B 37 -1.51 0.57 28.31
CA LYS B 37 -0.92 1.90 28.59
C LYS B 37 -0.43 2.66 27.33
N LEU B 38 -0.81 2.20 26.15
CA LEU B 38 -0.28 2.82 24.91
C LEU B 38 -1.02 4.14 24.67
N VAL B 39 -0.27 5.17 24.36
CA VAL B 39 -0.88 6.48 24.25
C VAL B 39 -1.30 6.67 22.80
N ARG B 40 -2.58 7.03 22.60
CA ARG B 40 -3.08 7.32 21.31
C ARG B 40 -2.22 8.33 20.61
N ASN B 41 -1.83 8.03 19.37
CA ASN B 41 -1.10 8.92 18.48
C ASN B 41 -1.88 10.22 18.44
N VAL B 42 -1.17 11.29 18.72
CA VAL B 42 -1.75 12.61 18.81
C VAL B 42 -2.37 12.98 17.48
N ASN B 43 -1.72 12.55 16.40
CA ASN B 43 -2.16 12.89 15.08
C ASN B 43 -3.51 12.30 14.81
N LEU B 44 -3.86 11.21 15.47
CA LEU B 44 -5.25 10.73 15.33
C LEU B 44 -6.26 11.59 16.04
N GLU B 45 -5.85 12.25 17.12
CA GLU B 45 -6.79 13.09 17.89
C GLU B 45 -7.08 14.31 17.07
N LYS B 46 -6.07 14.80 16.33
CA LYS B 46 -6.25 15.96 15.49
C LYS B 46 -7.22 15.71 14.33
N LEU B 47 -7.25 14.49 13.80
CA LEU B 47 -7.90 14.22 12.51
C LEU B 47 -9.42 14.16 12.64
N LYS B 48 -10.11 15.07 11.98
CA LYS B 48 -11.55 15.11 11.98
C LYS B 48 -12.09 14.08 11.02
N ASN B 49 -13.16 13.41 11.38
CA ASN B 49 -13.81 12.51 10.45
C ASN B 49 -14.55 13.25 9.34
N ASN B 50 -14.57 12.66 8.15
CA ASN B 50 -15.42 13.22 7.09
C ASN B 50 -16.65 12.38 6.88
N TYR B 51 -17.79 13.00 7.13
CA TYR B 51 -19.07 12.34 7.12
C TYR B 51 -19.72 12.34 5.74
N LEU B 52 -19.12 13.06 4.81
CA LEU B 52 -19.68 13.28 3.51
C LEU B 52 -20.25 12.00 2.87
N PHE B 53 -19.37 11.07 2.51
CA PHE B 53 -19.80 9.91 1.72
C PHE B 53 -20.59 8.92 2.53
N PRO B 54 -20.20 8.72 3.82
CA PRO B 54 -21.08 7.89 4.67
C PRO B 54 -22.51 8.44 4.75
N GLU B 55 -22.64 9.77 4.83
CA GLU B 55 -23.99 10.36 4.82
C GLU B 55 -24.77 10.20 3.52
N ILE B 56 -24.11 10.55 2.41
CA ILE B 56 -24.66 10.34 1.04
C ILE B 56 -25.22 8.92 0.94
N ASN B 57 -24.38 7.98 1.31
CA ASN B 57 -24.75 6.56 1.22
C ASN B 57 -25.93 6.20 2.11
N ARG B 58 -25.94 6.66 3.37
CA ARG B 58 -27.08 6.42 4.26
C ARG B 58 -28.37 6.99 3.67
N ARG B 59 -28.28 8.23 3.20
CA ARG B 59 -29.42 8.89 2.58
C ARG B 59 -29.88 8.21 1.28
N GLU B 60 -28.94 7.66 0.49
CA GLU B 60 -29.31 6.94 -0.72
C GLU B 60 -30.15 5.67 -0.40
N LEU B 61 -29.64 4.97 0.62
CA LEU B 61 -30.33 3.73 1.04
C LEU B 61 -31.73 3.98 1.61
N GLU B 62 -31.75 4.83 2.46
CA GLU B 62 -33.02 5.23 3.05
C GLU B 62 -34.03 5.66 1.96
N HIS B 63 -33.58 6.47 1.04
CA HIS B 63 -34.47 6.97 0.04
C HIS B 63 -34.92 5.82 -0.92
N ILE B 64 -34.02 4.92 -1.24
CA ILE B 64 -34.38 3.75 -2.05
C ILE B 64 -35.41 2.89 -1.32
N GLU B 65 -35.20 2.73 -0.01
CA GLU B 65 -36.12 1.99 0.84
C GLU B 65 -37.52 2.65 0.95
N LYS B 66 -37.58 3.98 0.99
CA LYS B 66 -38.83 4.68 1.21
C LYS B 66 -39.59 4.89 -0.12
N HIS B 67 -38.89 4.93 -1.25
CA HIS B 67 -39.52 5.13 -2.52
C HIS B 67 -39.21 4.00 -3.49
N PRO B 68 -39.61 2.76 -3.19
CA PRO B 68 -39.23 1.59 -4.02
C PRO B 68 -39.96 1.61 -5.36
N ASN B 69 -40.95 2.49 -5.35
CA ASN B 69 -41.67 3.13 -6.42
C ASN B 69 -40.92 3.69 -7.64
N VAL B 70 -39.72 4.18 -7.40
CA VAL B 70 -39.07 5.11 -8.32
C VAL B 70 -37.62 4.68 -8.31
N GLN B 71 -37.04 4.56 -9.50
CA GLN B 71 -35.63 4.27 -9.64
C GLN B 71 -34.78 5.48 -9.16
N LEU B 72 -34.03 5.31 -8.10
CA LEU B 72 -33.08 6.33 -7.71
C LEU B 72 -31.93 6.33 -8.73
N ILE B 73 -31.45 7.53 -9.07
CA ILE B 73 -30.29 7.66 -9.94
C ILE B 73 -29.20 8.44 -9.23
N SER B 74 -27.96 8.03 -9.43
CA SER B 74 -26.86 8.67 -8.81
C SER B 74 -25.97 9.37 -9.81
N LEU B 75 -25.73 10.65 -9.53
CA LEU B 75 -24.70 11.41 -10.22
C LEU B 75 -23.63 11.84 -9.20
N GLY B 76 -23.42 11.02 -8.17
CA GLY B 76 -22.58 11.40 -7.03
C GLY B 76 -21.17 10.86 -6.96
N THR B 77 -21.02 9.60 -6.53
CA THR B 77 -19.69 9.01 -6.39
C THR B 77 -19.07 8.88 -7.80
N GLY B 78 -17.74 8.95 -7.78
CA GLY B 78 -16.98 9.15 -8.97
C GLY B 78 -16.29 7.88 -9.38
N ASP B 79 -16.89 6.75 -9.02
CA ASP B 79 -16.37 5.49 -9.48
C ASP B 79 -16.75 5.33 -10.97
N THR B 80 -15.83 4.80 -11.73
CA THR B 80 -16.11 4.38 -13.09
C THR B 80 -17.10 3.24 -13.05
N THR B 81 -17.90 3.09 -14.11
CA THR B 81 -19.01 2.11 -14.17
C THR B 81 -19.05 1.17 -15.36
N GLU B 82 -18.44 1.53 -16.48
CA GLU B 82 -18.42 0.64 -17.65
C GLU B 82 -17.34 -0.43 -17.48
N PRO B 83 -17.52 -1.62 -18.07
CA PRO B 83 -16.53 -2.66 -17.88
C PRO B 83 -15.25 -2.33 -18.55
N ILE B 84 -14.19 -2.98 -18.13
CA ILE B 84 -12.88 -2.80 -18.73
C ILE B 84 -12.87 -3.58 -20.04
N PRO B 85 -12.28 -3.04 -21.11
CA PRO B 85 -12.29 -3.79 -22.34
C PRO B 85 -11.70 -5.23 -22.23
N GLU B 86 -12.38 -6.18 -22.85
CA GLU B 86 -11.94 -7.56 -22.90
C GLU B 86 -10.45 -7.68 -23.38
N GLN B 87 -10.03 -6.90 -24.33
CA GLN B 87 -8.62 -6.99 -24.73
C GLN B 87 -7.64 -6.85 -23.54
N ILE B 88 -7.92 -5.90 -22.65
CA ILE B 88 -7.05 -5.62 -21.48
C ILE B 88 -7.11 -6.75 -20.42
N THR B 89 -8.31 -7.08 -20.11
CA THR B 89 -8.66 -8.12 -19.16
C THR B 89 -8.06 -9.47 -19.55
N SER B 90 -8.12 -9.75 -20.84
CA SER B 90 -7.63 -11.00 -21.37
C SER B 90 -6.12 -11.19 -21.06
N HIS B 91 -5.37 -10.11 -21.11
CA HIS B 91 -3.98 -10.12 -20.76
C HIS B 91 -3.81 -10.38 -19.27
N MET B 92 -4.76 -9.89 -18.45
CA MET B 92 -4.71 -10.14 -17.01
C MET B 92 -5.05 -11.62 -16.74
N SER B 93 -6.06 -12.19 -17.41
CA SER B 93 -6.40 -13.63 -17.25
C SER B 93 -5.29 -14.55 -17.69
N ASN B 94 -4.64 -14.23 -18.81
CA ASN B 94 -3.54 -15.05 -19.29
C ASN B 94 -2.34 -15.00 -18.37
N PHE B 95 -1.99 -13.81 -17.89
CA PHE B 95 -0.85 -13.68 -16.99
C PHE B 95 -1.12 -14.49 -15.75
N ALA B 96 -2.35 -14.41 -15.23
CA ALA B 96 -2.70 -15.19 -14.05
C ALA B 96 -2.55 -16.66 -14.25
N HIS B 97 -2.99 -17.16 -15.42
CA HIS B 97 -2.87 -18.60 -15.71
C HIS B 97 -1.37 -18.92 -15.80
N GLY B 98 -0.58 -17.99 -16.33
CA GLY B 98 0.84 -18.22 -16.51
C GLY B 98 1.54 -18.43 -15.17
N LEU B 99 0.90 -17.99 -14.07
CA LEU B 99 1.49 -18.16 -12.75
C LEU B 99 1.39 -19.58 -12.29
N SER B 100 0.67 -20.41 -13.03
CA SER B 100 0.55 -21.84 -12.65
C SER B 100 1.49 -22.67 -13.50
N THR B 101 2.35 -21.99 -14.27
CA THR B 101 3.38 -22.64 -15.00
C THR B 101 4.80 -22.23 -14.52
N VAL B 102 5.72 -23.16 -14.67
CA VAL B 102 7.13 -22.92 -14.41
C VAL B 102 7.66 -21.79 -15.26
N GLU B 103 7.24 -21.68 -16.51
CA GLU B 103 7.75 -20.65 -17.41
C GLU B 103 7.20 -19.27 -17.09
N GLY B 104 5.98 -19.20 -16.54
CA GLY B 104 5.38 -17.94 -16.21
C GLY B 104 5.36 -17.59 -14.70
N TYR B 105 5.68 -18.52 -13.79
CA TYR B 105 5.60 -18.22 -12.37
C TYR B 105 6.74 -17.31 -11.94
N ARG B 106 6.40 -16.26 -11.21
CA ARG B 106 7.44 -15.52 -10.48
C ARG B 106 6.93 -15.07 -9.11
N GLY B 107 7.89 -14.98 -8.18
CA GLY B 107 7.67 -14.49 -6.84
C GLY B 107 7.69 -12.97 -6.83
N TYR B 108 8.46 -12.37 -5.91
CA TYR B 108 8.59 -10.91 -5.78
C TYR B 108 9.10 -10.29 -7.09
N GLY B 109 8.56 -9.15 -7.48
CA GLY B 109 9.09 -8.37 -8.63
C GLY B 109 9.83 -7.16 -8.04
N LEU B 110 10.31 -6.28 -8.89
CA LEU B 110 10.94 -5.06 -8.39
C LEU B 110 9.89 -4.22 -7.68
N GLU B 111 10.17 -3.75 -6.47
CA GLU B 111 9.16 -2.94 -5.72
C GLU B 111 8.70 -1.69 -6.45
N GLN B 112 9.63 -1.16 -7.21
CA GLN B 112 9.40 -0.07 -8.13
C GLN B 112 8.47 -0.41 -9.31
N GLY B 113 8.35 -1.71 -9.69
CA GLY B 113 7.46 -2.13 -10.77
C GLY B 113 8.18 -2.70 -11.98
N ASN B 114 7.49 -3.55 -12.76
CA ASN B 114 8.09 -4.19 -13.97
C ASN B 114 8.74 -3.14 -14.85
N LYS B 115 9.86 -3.46 -15.47
CA LYS B 115 10.53 -2.50 -16.35
C LYS B 115 9.70 -2.20 -17.60
N THR B 116 9.07 -3.23 -18.16
CA THR B 116 8.23 -3.04 -19.32
C THR B 116 7.13 -2.04 -19.05
N LEU B 117 6.49 -2.14 -17.89
CA LEU B 117 5.42 -1.22 -17.53
C LEU B 117 5.95 0.20 -17.33
N ARG B 118 7.09 0.34 -16.66
CA ARG B 118 7.61 1.68 -16.45
C ARG B 118 8.00 2.39 -17.76
N LYS B 119 8.59 1.64 -18.70
CA LYS B 119 8.97 2.18 -20.03
C LYS B 119 7.74 2.58 -20.76
N ALA B 120 6.70 1.75 -20.71
CA ALA B 120 5.44 2.12 -21.34
C ALA B 120 4.78 3.36 -20.73
N ILE B 121 4.78 3.51 -19.41
CA ILE B 121 4.21 4.75 -18.79
C ILE B 121 5.02 5.96 -19.24
N ALA B 122 6.33 5.84 -19.20
CA ALA B 122 7.20 6.93 -19.67
C ALA B 122 6.92 7.37 -21.13
N GLU B 123 6.84 6.40 -22.05
CA GLU B 123 6.64 6.64 -23.45
C GLU B 123 5.21 7.09 -23.70
N THR B 124 4.24 6.53 -23.00
CA THR B 124 2.84 6.90 -23.28
C THR B 124 2.50 8.28 -22.76
N PHE B 125 2.94 8.62 -21.55
CA PHE B 125 2.46 9.83 -20.85
C PHE B 125 3.48 10.94 -20.82
N TYR B 126 4.76 10.61 -21.00
CA TYR B 126 5.82 11.61 -20.90
C TYR B 126 6.80 11.63 -22.10
N ARG B 127 6.29 11.31 -23.29
CA ARG B 127 7.10 11.29 -24.50
C ARG B 127 7.68 12.69 -24.68
N ASP B 128 8.99 12.76 -24.82
CA ASP B 128 9.69 14.00 -25.09
C ASP B 128 9.74 14.91 -23.92
N LEU B 129 9.41 14.41 -22.72
CA LEU B 129 9.49 15.29 -21.53
C LEU B 129 10.65 14.94 -20.64
N HIS B 130 11.56 14.10 -21.13
CA HIS B 130 12.83 13.72 -20.44
C HIS B 130 12.60 12.92 -19.14
N VAL B 131 11.49 12.17 -19.11
CA VAL B 131 11.18 11.24 -17.99
C VAL B 131 11.75 9.87 -18.33
N LYS B 132 12.61 9.35 -17.44
CA LYS B 132 13.26 8.09 -17.64
C LYS B 132 12.42 7.03 -16.95
N SER B 133 12.49 5.83 -17.50
CA SER B 133 11.77 4.67 -16.98
C SER B 133 12.18 4.40 -15.54
N ASN B 134 13.37 4.82 -15.16
CA ASN B 134 13.84 4.61 -13.80
C ASN B 134 13.45 5.69 -12.83
N GLU B 135 12.72 6.70 -13.32
CA GLU B 135 12.06 7.73 -12.46
C GLU B 135 10.57 7.44 -12.21
N VAL B 136 10.08 6.35 -12.77
CA VAL B 136 8.68 5.97 -12.61
C VAL B 136 8.59 4.95 -11.47
N PHE B 137 7.69 5.16 -10.53
CA PHE B 137 7.49 4.22 -9.44
C PHE B 137 6.07 3.70 -9.48
N VAL B 138 5.91 2.41 -9.80
CA VAL B 138 4.58 1.88 -10.00
C VAL B 138 3.99 1.63 -8.67
N SER B 139 2.75 2.04 -8.49
CA SER B 139 2.02 1.94 -7.20
C SER B 139 0.76 1.07 -7.32
N ASP B 140 0.17 0.75 -6.16
CA ASP B 140 -1.18 0.16 -6.14
C ASP B 140 -2.24 1.28 -6.12
N GLY B 141 -1.92 2.40 -6.78
CA GLY B 141 -2.81 3.56 -6.92
C GLY B 141 -2.40 4.77 -6.08
N ALA B 142 -3.06 5.90 -6.32
CA ALA B 142 -2.66 7.19 -5.73
C ALA B 142 -2.87 7.31 -4.24
N GLN B 143 -3.93 6.72 -3.70
CA GLN B 143 -4.17 6.82 -2.26
C GLN B 143 -2.92 6.38 -1.47
N SER B 144 -2.43 5.20 -1.78
CA SER B 144 -1.24 4.63 -1.10
C SER B 144 -0.02 5.45 -1.44
N ASP B 145 0.07 5.84 -2.70
CA ASP B 145 1.23 6.56 -3.15
C ASP B 145 1.36 7.90 -2.37
N ILE B 146 0.22 8.55 -2.15
CA ILE B 146 0.20 9.80 -1.48
C ILE B 146 0.67 9.61 -0.05
N SER B 147 0.24 8.54 0.62
CA SER B 147 0.66 8.29 1.97
C SER B 147 2.17 7.94 2.03
N ARG B 148 2.69 7.32 0.97
CA ARG B 148 4.12 7.02 0.94
C ARG B 148 4.98 8.24 0.70
N LEU B 149 4.48 9.16 -0.10
CA LEU B 149 5.12 10.46 -0.26
C LEU B 149 5.12 11.23 1.05
N GLN B 150 4.02 11.19 1.77
CA GLN B 150 3.97 11.86 3.06
C GLN B 150 4.92 11.22 4.04
N LEU B 151 5.10 9.91 3.99
CA LEU B 151 6.10 9.27 4.85
C LEU B 151 7.50 9.76 4.45
N LEU B 152 7.77 9.88 3.16
CA LEU B 152 9.04 10.39 2.72
C LEU B 152 9.34 11.81 3.28
N LEU B 153 8.35 12.68 3.15
CA LEU B 153 8.47 14.07 3.54
C LEU B 153 8.60 14.25 5.05
N GLY B 154 7.76 13.55 5.81
CA GLY B 154 7.84 13.54 7.28
C GLY B 154 6.93 14.58 7.90
N SER B 155 7.07 14.72 9.22
CA SER B 155 6.21 15.60 10.00
C SER B 155 6.68 17.05 9.94
N ASN B 156 7.91 17.32 9.54
CA ASN B 156 8.43 18.68 9.72
C ASN B 156 8.44 19.50 8.46
N VAL B 157 7.32 19.46 7.72
CA VAL B 157 7.14 20.30 6.56
C VAL B 157 5.78 20.98 6.64
N THR B 158 5.62 22.06 5.88
CA THR B 158 4.36 22.81 5.79
C THR B 158 3.83 22.60 4.42
N ILE B 159 2.52 22.51 4.29
CA ILE B 159 1.91 22.23 2.99
C ILE B 159 0.86 23.25 2.62
N ALA B 160 0.67 23.39 1.32
CA ALA B 160 -0.43 24.13 0.75
C ALA B 160 -1.32 23.17 -0.03
N VAL B 161 -2.64 23.33 0.13
CA VAL B 161 -3.64 22.62 -0.66
C VAL B 161 -4.66 23.59 -1.26
N GLN B 162 -5.30 23.17 -2.35
CA GLN B 162 -6.36 23.91 -2.94
C GLN B 162 -7.57 23.82 -2.03
N ASP B 163 -8.38 24.86 -2.06
CA ASP B 163 -9.68 24.88 -1.36
C ASP B 163 -10.71 25.29 -2.42
N PRO B 164 -11.68 24.43 -2.74
CA PRO B 164 -12.02 23.12 -2.15
C PRO B 164 -10.92 22.08 -2.27
N THR B 165 -10.92 21.19 -1.28
CA THR B 165 -9.80 20.31 -0.95
C THR B 165 -10.17 18.86 -1.14
N PHE B 166 -9.29 18.12 -1.81
CA PHE B 166 -9.35 16.67 -1.93
C PHE B 166 -8.89 16.07 -0.62
N PRO B 167 -9.73 15.29 0.04
CA PRO B 167 -9.36 14.69 1.35
C PRO B 167 -7.99 14.00 1.49
N ALA B 168 -7.53 13.31 0.47
CA ALA B 168 -6.37 12.44 0.67
C ALA B 168 -5.15 13.26 1.07
N TYR B 169 -4.95 14.39 0.40
CA TYR B 169 -3.75 15.15 0.64
C TYR B 169 -3.75 15.65 2.10
N ILE B 170 -4.92 16.13 2.57
CA ILE B 170 -4.98 16.82 3.83
C ILE B 170 -4.97 15.77 4.96
N ASP B 171 -5.81 14.74 4.84
CA ASP B 171 -5.84 13.66 5.79
C ASP B 171 -4.48 13.02 5.96
N SER B 172 -3.72 12.81 4.86
CA SER B 172 -2.44 12.12 5.00
C SER B 172 -1.49 13.08 5.73
N SER B 173 -1.64 14.38 5.47
CA SER B 173 -0.82 15.37 6.08
C SER B 173 -1.01 15.43 7.61
N VAL B 174 -2.25 15.39 8.06
CA VAL B 174 -2.56 15.39 9.46
C VAL B 174 -1.96 14.14 10.09
N ILE B 175 -2.23 12.98 9.47
CA ILE B 175 -1.79 11.72 10.08
C ILE B 175 -0.29 11.67 10.25
N ILE B 176 0.47 12.18 9.30
CA ILE B 176 1.90 12.10 9.47
C ILE B 176 2.48 13.16 10.42
N GLY B 177 1.69 14.17 10.77
CA GLY B 177 2.09 15.17 11.74
C GLY B 177 2.46 16.56 11.21
N GLN B 178 1.93 16.99 10.07
CA GLN B 178 2.30 18.25 9.46
C GLN B 178 1.41 19.45 9.90
N THR B 179 0.37 19.21 10.68
CA THR B 179 -0.63 20.19 10.97
C THR B 179 -0.93 20.34 12.46
N GLY B 180 -1.67 21.38 12.82
CA GLY B 180 -2.18 21.55 14.20
C GLY B 180 -3.58 21.01 14.15
N HIS B 181 -4.42 21.46 15.09
CA HIS B 181 -5.79 21.03 15.19
C HIS B 181 -6.67 21.72 14.15
N PHE B 182 -7.88 21.18 13.99
CA PHE B 182 -8.85 21.68 13.09
C PHE B 182 -9.63 22.88 13.70
N HIS B 183 -9.48 24.04 13.10
CA HIS B 183 -10.09 25.27 13.61
C HIS B 183 -11.54 25.29 13.15
N GLU B 184 -12.43 24.92 14.06
CA GLU B 184 -13.86 24.78 13.78
C GLU B 184 -14.58 25.96 13.11
N LYS B 185 -14.16 27.18 13.42
CA LYS B 185 -14.85 28.38 12.96
C LYS B 185 -14.54 28.62 11.48
N THR B 186 -13.25 28.54 11.10
CA THR B 186 -12.82 28.68 9.71
C THR B 186 -12.96 27.36 8.89
N LYS B 187 -13.07 26.23 9.57
CA LYS B 187 -13.06 24.92 8.92
C LYS B 187 -11.77 24.61 8.15
N LYS B 188 -10.64 24.95 8.77
CA LYS B 188 -9.31 24.77 8.21
C LYS B 188 -8.43 24.20 9.34
N TYR B 189 -7.51 23.29 8.99
CA TYR B 189 -6.51 22.79 9.94
C TYR B 189 -5.49 23.89 10.15
N GLN B 190 -5.05 24.10 11.40
CA GLN B 190 -3.96 25.04 11.67
C GLN B 190 -2.65 24.58 11.01
N ASN B 191 -1.79 25.54 10.67
CA ASN B 191 -0.50 25.33 10.04
C ASN B 191 -0.54 24.89 8.57
N VAL B 192 -1.72 24.93 7.94
CA VAL B 192 -1.89 24.52 6.53
C VAL B 192 -2.34 25.72 5.73
N VAL B 193 -1.67 25.98 4.62
CA VAL B 193 -2.16 27.01 3.73
C VAL B 193 -3.22 26.45 2.77
N TYR B 194 -4.37 27.08 2.78
CA TYR B 194 -5.47 26.77 1.89
C TYR B 194 -5.52 27.85 0.82
N MET B 195 -5.58 27.44 -0.44
CA MET B 195 -5.47 28.33 -1.60
C MET B 195 -6.82 28.37 -2.31
N PRO B 196 -7.58 29.45 -2.17
CA PRO B 196 -8.91 29.32 -2.77
C PRO B 196 -8.81 29.22 -4.26
N CYS B 197 -9.62 28.34 -4.86
CA CYS B 197 -9.74 28.16 -6.30
C CYS B 197 -11.22 28.20 -6.59
N GLY B 198 -11.66 29.21 -7.33
CA GLY B 198 -13.07 29.38 -7.67
C GLY B 198 -13.21 30.21 -8.95
N PRO B 199 -14.43 30.44 -9.40
CA PRO B 199 -14.75 31.21 -10.62
C PRO B 199 -14.14 32.63 -10.66
N ASN B 200 -14.13 33.29 -9.51
CA ASN B 200 -13.49 34.61 -9.35
C ASN B 200 -11.99 34.71 -9.68
N ASN B 201 -11.25 33.59 -9.60
CA ASN B 201 -9.80 33.60 -9.87
C ASN B 201 -9.43 32.55 -10.90
N SER B 202 -10.43 32.20 -11.74
CA SER B 202 -10.36 31.06 -12.65
C SER B 202 -9.59 29.88 -12.02
N PHE B 203 -10.10 29.47 -10.85
CA PHE B 203 -9.72 28.23 -10.20
C PHE B 203 -8.24 28.10 -10.13
N PHE B 204 -7.58 29.20 -9.81
CA PHE B 204 -6.20 29.14 -9.63
C PHE B 204 -5.94 30.11 -8.55
N PRO B 205 -5.08 29.75 -7.61
CA PRO B 205 -4.78 30.69 -6.53
C PRO B 205 -4.14 32.00 -7.01
N ASP B 206 -4.29 33.05 -6.21
CA ASP B 206 -3.59 34.32 -6.39
C ASP B 206 -2.23 34.18 -5.75
N LEU B 207 -1.24 33.89 -6.57
CA LEU B 207 0.05 33.48 -6.05
C LEU B 207 0.76 34.58 -5.31
N ALA B 208 0.45 35.84 -5.64
CA ALA B 208 1.11 36.96 -5.00
C ALA B 208 0.67 37.09 -3.55
N MET B 209 -0.46 36.53 -3.17
CA MET B 209 -0.92 36.65 -1.78
C MET B 209 -0.94 35.28 -1.06
N THR B 210 -0.22 34.32 -1.61
CA THR B 210 -0.24 32.97 -1.05
C THR B 210 1.03 32.75 -0.24
N PRO B 211 0.92 32.53 1.09
CA PRO B 211 2.21 32.35 1.85
C PRO B 211 3.05 31.14 1.39
N ARG B 212 4.36 31.19 1.63
CA ARG B 212 5.25 30.14 1.17
C ARG B 212 5.12 28.85 2.03
N THR B 213 5.28 27.70 1.39
CA THR B 213 5.24 26.42 2.09
C THR B 213 6.39 25.55 1.56
N ASP B 214 6.68 24.45 2.28
CA ASP B 214 7.66 23.50 1.77
C ASP B 214 7.10 22.72 0.57
N VAL B 215 5.81 22.44 0.63
CA VAL B 215 5.15 21.56 -0.35
C VAL B 215 3.82 22.18 -0.78
N ILE B 216 3.54 22.09 -2.07
CA ILE B 216 2.26 22.49 -2.61
C ILE B 216 1.61 21.31 -3.32
N PHE B 217 0.43 20.94 -2.87
CA PHE B 217 -0.38 19.96 -3.56
C PHE B 217 -1.28 20.63 -4.58
N PHE B 218 -1.23 20.11 -5.80
CA PHE B 218 -2.03 20.63 -6.88
C PHE B 218 -2.59 19.55 -7.74
N CYS B 219 -3.91 19.53 -7.84
CA CYS B 219 -4.64 18.54 -8.59
C CYS B 219 -5.26 19.18 -9.84
N SER B 220 -4.88 18.66 -11.01
CA SER B 220 -5.37 19.19 -12.26
C SER B 220 -5.39 18.06 -13.29
N PRO B 221 -6.55 17.79 -13.89
CA PRO B 221 -7.87 18.34 -13.58
C PRO B 221 -8.29 18.09 -12.16
N ASN B 222 -8.98 19.08 -11.59
CA ASN B 222 -9.22 19.14 -10.16
C ASN B 222 -10.36 18.25 -9.77
N ASN B 223 -10.28 17.63 -8.60
CA ASN B 223 -11.43 17.06 -7.91
C ASN B 223 -11.55 17.93 -6.65
N PRO B 224 -12.68 18.62 -6.47
CA PRO B 224 -13.97 18.46 -7.12
C PRO B 224 -14.37 19.39 -8.32
N THR B 225 -13.58 20.39 -8.67
CA THR B 225 -14.10 21.47 -9.57
C THR B 225 -14.08 21.14 -11.04
N GLY B 226 -13.24 20.17 -11.40
CA GLY B 226 -13.07 19.75 -12.82
C GLY B 226 -12.24 20.69 -13.65
N TYR B 227 -11.70 21.73 -13.05
CA TYR B 227 -10.88 22.67 -13.79
C TYR B 227 -9.53 22.08 -14.10
N VAL B 228 -9.07 22.25 -15.33
CA VAL B 228 -7.68 21.95 -15.69
C VAL B 228 -6.90 23.27 -15.81
N ALA B 229 -5.77 23.38 -15.09
CA ALA B 229 -4.96 24.56 -15.16
C ALA B 229 -4.42 24.70 -16.58
N SER B 230 -4.16 25.94 -16.98
CA SER B 230 -3.62 26.27 -18.31
C SER B 230 -2.11 26.27 -18.26
N ARG B 231 -1.50 26.26 -19.45
CA ARG B 231 -0.03 26.28 -19.57
C ARG B 231 0.56 27.49 -18.87
N LYS B 232 -0.09 28.64 -19.02
CA LYS B 232 0.36 29.84 -18.37
C LYS B 232 0.26 29.65 -16.86
N GLN B 233 -0.86 29.14 -16.35
CA GLN B 233 -1.03 28.97 -14.89
C GLN B 233 0.01 28.01 -14.28
N LEU B 234 0.25 26.90 -14.97
CA LEU B 234 1.29 25.94 -14.57
C LEU B 234 2.71 26.53 -14.59
N HIS B 235 3.00 27.31 -15.62
CA HIS B 235 4.25 28.06 -15.62
C HIS B 235 4.38 28.88 -14.35
N GLN B 236 3.33 29.57 -13.95
CA GLN B 236 3.42 30.44 -12.82
C GLN B 236 3.61 29.66 -11.58
N LEU B 237 2.93 28.51 -11.49
CA LEU B 237 3.06 27.64 -10.32
C LEU B 237 4.47 27.08 -10.18
N VAL B 238 5.06 26.67 -11.27
CA VAL B 238 6.44 26.18 -11.26
C VAL B 238 7.42 27.29 -10.85
N ASP B 239 7.25 28.49 -11.41
CA ASP B 239 8.05 29.68 -10.97
C ASP B 239 7.83 30.07 -9.51
N PHE B 240 6.59 30.03 -9.03
CA PHE B 240 6.29 30.29 -7.64
C PHE B 240 7.04 29.28 -6.79
N ALA B 241 7.00 28.01 -7.23
CA ALA B 241 7.70 26.98 -6.48
C ALA B 241 9.21 27.21 -6.48
N LYS B 242 9.79 27.50 -7.65
CA LYS B 242 11.23 27.75 -7.78
C LYS B 242 11.66 28.88 -6.87
N THR B 243 10.90 29.97 -6.92
CA THR B 243 11.16 31.13 -6.09
C THR B 243 11.07 30.80 -4.62
N ASN B 244 10.10 29.98 -4.24
CA ASN B 244 9.96 29.64 -2.81
C ASN B 244 10.77 28.43 -2.32
N GLY B 245 11.46 27.75 -3.22
CA GLY B 245 12.15 26.48 -2.88
C GLY B 245 11.20 25.38 -2.42
N SER B 246 9.97 25.38 -2.94
CA SER B 246 8.93 24.44 -2.59
C SER B 246 8.97 23.28 -3.57
N ILE B 247 8.41 22.15 -3.18
CA ILE B 247 8.09 21.15 -4.20
C ILE B 247 6.60 21.10 -4.43
N ILE B 248 6.25 20.69 -5.65
CA ILE B 248 4.89 20.52 -6.05
C ILE B 248 4.63 19.02 -6.05
N ILE B 249 3.53 18.58 -5.46
CA ILE B 249 3.02 17.24 -5.73
C ILE B 249 1.84 17.49 -6.64
N PHE B 250 1.96 17.05 -7.88
CA PHE B 250 0.99 17.33 -8.90
C PHE B 250 0.24 16.05 -9.22
N ASP B 251 -1.07 16.10 -9.02
CA ASP B 251 -1.94 14.95 -9.20
C ASP B 251 -2.65 15.01 -10.54
N SER B 252 -2.21 14.18 -11.47
CA SER B 252 -2.77 14.15 -12.82
C SER B 252 -3.67 12.99 -13.07
N ALA B 253 -4.23 12.40 -12.03
CA ALA B 253 -5.09 11.22 -12.22
C ALA B 253 -6.23 11.44 -13.20
N TYR B 254 -6.63 12.69 -13.47
CA TYR B 254 -7.73 12.92 -14.42
C TYR B 254 -7.29 13.40 -15.82
N ALA B 255 -5.97 13.36 -16.08
CA ALA B 255 -5.41 13.94 -17.31
C ALA B 255 -6.05 13.37 -18.56
N ALA B 256 -6.35 12.09 -18.57
CA ALA B 256 -6.89 11.47 -19.74
C ALA B 256 -8.26 12.02 -20.18
N PHE B 257 -8.87 12.84 -19.34
CA PHE B 257 -10.20 13.40 -19.62
C PHE B 257 -10.09 14.76 -20.30
N ILE B 258 -8.90 15.32 -20.29
CA ILE B 258 -8.68 16.61 -20.90
C ILE B 258 -8.96 16.59 -22.39
N GLU B 259 -9.79 17.54 -22.85
CA GLU B 259 -10.19 17.67 -24.28
C GLU B 259 -9.71 19.02 -24.93
N ASP B 260 -9.48 20.06 -24.13
CA ASP B 260 -8.89 21.37 -24.53
C ASP B 260 -7.62 21.48 -25.30
N GLY B 261 -6.71 20.52 -25.19
CA GLY B 261 -5.31 20.85 -25.51
C GLY B 261 -4.53 21.58 -24.38
N SER B 262 -5.14 21.74 -23.19
CA SER B 262 -4.44 22.15 -21.97
C SER B 262 -3.43 21.06 -21.60
N PRO B 263 -2.42 21.41 -20.80
CA PRO B 263 -1.39 20.39 -20.55
C PRO B 263 -1.87 19.22 -19.65
N ARG B 264 -1.27 18.05 -19.86
CA ARG B 264 -1.65 16.80 -19.18
C ARG B 264 -0.65 16.41 -18.07
N SER B 265 0.61 16.79 -18.24
CA SER B 265 1.59 16.63 -17.22
C SER B 265 2.26 17.97 -16.94
N ILE B 266 2.65 18.17 -15.69
CA ILE B 266 3.36 19.33 -15.30
C ILE B 266 4.73 19.37 -15.92
N TYR B 267 5.23 18.23 -16.42
CA TYR B 267 6.57 18.23 -17.02
C TYR B 267 6.55 18.80 -18.44
N GLU B 268 5.37 19.22 -18.90
CA GLU B 268 5.30 20.05 -20.10
C GLU B 268 5.88 21.44 -19.88
N ILE B 269 6.04 21.87 -18.62
CA ILE B 269 6.60 23.15 -18.28
C ILE B 269 8.09 23.00 -18.07
N PRO B 270 8.91 23.79 -18.80
CA PRO B 270 10.35 23.58 -18.67
C PRO B 270 10.72 23.90 -17.25
N GLY B 271 11.68 23.15 -16.72
CA GLY B 271 12.05 23.32 -15.31
C GLY B 271 11.15 22.68 -14.26
N ALA B 272 10.00 22.12 -14.64
CA ALA B 272 9.15 21.43 -13.67
C ALA B 272 9.91 20.30 -12.99
N ARG B 273 10.84 19.70 -13.71
CA ARG B 273 11.60 18.58 -13.24
C ARG B 273 12.47 18.87 -12.06
N GLU B 274 12.69 20.14 -11.76
CA GLU B 274 13.52 20.51 -10.63
C GLU B 274 12.69 20.76 -9.39
N VAL B 275 11.37 20.86 -9.53
CA VAL B 275 10.46 21.15 -8.40
C VAL B 275 9.26 20.18 -8.20
N ALA B 276 8.93 19.34 -9.18
CA ALA B 276 7.64 18.66 -9.11
C ALA B 276 7.76 17.15 -9.14
N ILE B 277 6.97 16.52 -8.29
CA ILE B 277 6.68 15.10 -8.32
C ILE B 277 5.29 15.02 -8.92
N GLU B 278 5.07 14.07 -9.82
CA GLU B 278 3.71 13.85 -10.38
C GLU B 278 3.16 12.50 -9.91
N VAL B 279 1.90 12.48 -9.54
CA VAL B 279 1.20 11.28 -9.13
C VAL B 279 0.02 10.99 -10.01
N SER B 280 -0.20 9.74 -10.36
CA SER B 280 -1.31 9.47 -11.27
C SER B 280 -1.87 8.07 -11.04
N SER B 281 -2.80 7.64 -11.89
CA SER B 281 -3.51 6.42 -11.63
C SER B 281 -4.14 5.82 -12.82
N PHE B 282 -4.24 4.51 -12.84
CA PHE B 282 -5.07 3.90 -13.83
C PHE B 282 -6.54 3.84 -13.38
N SER B 283 -6.87 4.37 -12.21
CA SER B 283 -8.20 4.15 -11.69
C SER B 283 -9.34 4.72 -12.56
N LYS B 284 -9.27 6.00 -12.83
CA LYS B 284 -10.30 6.72 -13.54
C LYS B 284 -10.07 6.71 -15.06
N PHE B 285 -8.81 6.89 -15.48
CA PHE B 285 -8.35 6.57 -16.82
C PHE B 285 -8.89 5.26 -17.41
N ALA B 286 -8.83 4.15 -16.69
CA ALA B 286 -9.17 2.82 -17.27
C ALA B 286 -10.06 1.97 -16.41
N GLY B 287 -10.64 2.53 -15.37
CA GLY B 287 -11.59 1.76 -14.54
C GLY B 287 -10.94 0.78 -13.56
N PHE B 288 -9.65 0.96 -13.31
CA PHE B 288 -8.87 0.06 -12.42
C PHE B 288 -9.04 0.38 -10.91
N THR B 289 -10.18 0.93 -10.53
CA THR B 289 -10.43 1.40 -9.19
C THR B 289 -10.36 0.29 -8.16
N GLY B 290 -10.89 -0.86 -8.53
CA GLY B 290 -10.77 -2.09 -7.74
C GLY B 290 -9.56 -2.95 -8.04
N VAL B 291 -8.93 -2.76 -9.20
CA VAL B 291 -7.75 -3.56 -9.59
C VAL B 291 -6.43 -3.04 -8.92
N ARG B 292 -6.32 -1.71 -8.72
CA ARG B 292 -5.31 -1.04 -7.96
C ARG B 292 -3.99 -0.95 -8.71
N LEU B 293 -3.78 0.18 -9.39
CA LEU B 293 -2.54 0.48 -10.13
C LEU B 293 -2.38 1.99 -10.42
N GLY B 294 -1.22 2.54 -10.13
CA GLY B 294 -0.91 3.91 -10.49
C GLY B 294 0.58 4.06 -10.58
N TRP B 295 1.02 5.32 -10.57
CA TRP B 295 2.42 5.59 -10.46
C TRP B 295 2.68 7.00 -9.98
N SER B 296 3.93 7.20 -9.62
CA SER B 296 4.49 8.47 -9.37
C SER B 296 5.73 8.67 -10.18
N ILE B 297 6.03 9.94 -10.50
CA ILE B 297 7.29 10.28 -11.13
C ILE B 297 8.11 11.08 -10.12
N ILE B 298 9.34 10.64 -9.86
CA ILE B 298 10.33 11.40 -9.07
C ILE B 298 11.53 11.70 -9.95
N PRO B 299 11.60 12.93 -10.50
CA PRO B 299 12.73 13.21 -11.37
C PRO B 299 14.09 13.09 -10.67
N ASP B 300 15.07 12.49 -11.36
CA ASP B 300 16.53 12.70 -11.17
C ASP B 300 16.96 14.03 -10.57
N GLU B 301 16.39 15.10 -11.10
CA GLU B 301 16.91 16.47 -10.86
C GLU B 301 16.28 17.15 -9.66
N LEU B 302 15.44 16.42 -8.93
CA LEU B 302 14.70 17.01 -7.85
C LEU B 302 15.59 16.87 -6.63
N LEU B 303 16.02 17.98 -6.03
CA LEU B 303 16.99 17.92 -4.95
C LEU B 303 16.51 18.53 -3.64
N TYR B 304 16.99 17.99 -2.53
CA TYR B 304 16.81 18.61 -1.23
C TYR B 304 17.75 19.83 -1.09
N SER B 305 17.56 20.57 0.03
CA SER B 305 18.46 21.65 0.55
C SER B 305 19.89 21.41 0.17
N ASN B 306 20.31 20.21 0.53
CA ASN B 306 21.69 19.84 0.62
C ASN B 306 22.20 19.23 -0.66
N GLY B 307 21.40 19.29 -1.71
CA GLY B 307 21.82 18.72 -2.98
C GLY B 307 21.59 17.23 -3.21
N PHE B 308 21.15 16.46 -2.19
CA PHE B 308 20.86 14.98 -2.37
C PHE B 308 19.61 14.76 -3.22
N PRO B 309 19.70 13.92 -4.27
CA PRO B 309 18.46 13.63 -5.05
C PRO B 309 17.37 12.96 -4.18
N ILE B 310 16.16 13.47 -4.30
CA ILE B 310 15.03 12.95 -3.57
C ILE B 310 14.73 11.52 -4.05
N ILE B 311 14.98 11.26 -5.31
CA ILE B 311 14.71 9.96 -5.84
C ILE B 311 15.42 8.86 -5.06
N ASN B 312 16.62 9.12 -4.55
CA ASN B 312 17.31 8.06 -3.85
C ASN B 312 16.54 7.67 -2.62
N ASP B 313 15.91 8.65 -1.97
CA ASP B 313 15.21 8.37 -0.73
C ASP B 313 13.82 7.85 -0.97
N PHE B 314 13.21 8.15 -2.11
CA PHE B 314 11.91 7.56 -2.35
C PHE B 314 12.07 6.06 -2.59
N HIS B 315 13.14 5.68 -3.29
CA HIS B 315 13.54 4.29 -3.42
C HIS B 315 13.58 3.60 -2.06
N ARG B 316 14.17 4.23 -1.04
CA ARG B 316 14.31 3.61 0.28
C ARG B 316 12.96 3.57 0.98
N ILE B 317 12.14 4.61 0.81
CA ILE B 317 10.77 4.55 1.33
C ILE B 317 10.00 3.38 0.65
N VAL B 318 10.20 3.18 -0.66
CA VAL B 318 9.45 2.17 -1.39
C VAL B 318 9.90 0.77 -0.94
N THR B 319 11.20 0.58 -0.88
CA THR B 319 11.75 -0.67 -0.41
C THR B 319 11.27 -1.06 1.01
N THR B 320 11.09 -0.06 1.85
CA THR B 320 10.76 -0.28 3.24
C THR B 320 9.25 -0.45 3.54
N SER B 321 8.40 0.26 2.82
CA SER B 321 7.01 0.25 3.11
C SER B 321 6.19 -0.44 2.01
N PHE B 322 6.80 -1.04 0.99
CA PHE B 322 6.02 -1.59 -0.14
C PHE B 322 6.75 -2.77 -0.79
N ASN B 323 6.00 -3.74 -1.27
CA ASN B 323 6.59 -4.85 -1.98
C ASN B 323 6.15 -4.94 -3.42
N GLY B 324 5.61 -3.85 -3.94
CA GLY B 324 5.20 -3.82 -5.36
C GLY B 324 3.72 -3.86 -5.57
N ALA B 325 3.31 -3.34 -6.70
CA ALA B 325 1.95 -3.50 -7.12
C ALA B 325 1.72 -4.95 -7.48
N SER B 326 0.47 -5.41 -7.43
CA SER B 326 0.17 -6.79 -7.83
C SER B 326 0.71 -7.08 -9.25
N ASN B 327 1.36 -8.22 -9.44
CA ASN B 327 1.80 -8.61 -10.79
C ASN B 327 0.66 -8.66 -11.86
N ILE B 328 -0.51 -9.13 -11.48
CA ILE B 328 -1.61 -9.24 -12.42
C ILE B 328 -2.15 -7.86 -12.82
N ALA B 329 -2.28 -6.97 -11.84
CA ALA B 329 -2.60 -5.58 -12.14
C ALA B 329 -1.55 -4.95 -13.06
N GLN B 330 -0.28 -5.25 -12.85
CA GLN B 330 0.74 -4.61 -13.69
C GLN B 330 0.62 -5.09 -15.16
N ALA B 331 0.28 -6.35 -15.34
CA ALA B 331 0.03 -6.87 -16.70
C ALA B 331 -1.16 -6.18 -17.33
N GLY B 332 -2.20 -5.96 -16.56
CA GLY B 332 -3.35 -5.16 -17.06
C GLY B 332 -3.01 -3.74 -17.48
N GLY B 333 -2.18 -3.10 -16.67
CA GLY B 333 -1.70 -1.75 -16.93
C GLY B 333 -0.95 -1.65 -18.23
N LEU B 334 -0.06 -2.60 -18.44
CA LEU B 334 0.72 -2.67 -19.68
C LEU B 334 -0.23 -2.81 -20.86
N ALA B 335 -1.17 -3.75 -20.81
CA ALA B 335 -2.18 -3.88 -21.87
C ALA B 335 -3.01 -2.61 -22.10
N CYS B 336 -3.17 -1.76 -21.08
CA CYS B 336 -3.86 -0.48 -21.26
C CYS B 336 -3.09 0.43 -22.17
N LEU B 337 -1.78 0.30 -22.15
CA LEU B 337 -0.94 1.21 -22.88
C LEU B 337 -0.48 0.72 -24.28
N SER B 338 -1.00 -0.41 -24.75
CA SER B 338 -0.86 -0.80 -26.17
C SER B 338 -1.77 0.06 -27.00
N SER B 339 -1.49 0.15 -28.30
CA SER B 339 -2.27 1.03 -29.15
C SER B 339 -3.69 0.53 -29.20
N GLY B 340 -3.87 -0.79 -29.18
CA GLY B 340 -5.17 -1.40 -29.07
C GLY B 340 -5.85 -1.07 -27.73
N GLY B 341 -5.11 -1.14 -26.62
CA GLY B 341 -5.69 -0.82 -25.28
C GLY B 341 -6.20 0.62 -25.19
N LEU B 342 -5.32 1.55 -25.57
CA LEU B 342 -5.64 2.97 -25.62
C LEU B 342 -6.82 3.31 -26.51
N LYS B 343 -6.98 2.59 -27.62
CA LYS B 343 -8.08 2.86 -28.52
C LYS B 343 -9.38 2.45 -27.78
N GLU B 344 -9.41 1.26 -27.21
CA GLU B 344 -10.61 0.78 -26.51
C GLU B 344 -10.98 1.64 -25.31
N ILE B 345 -9.98 2.05 -24.53
CA ILE B 345 -10.22 2.88 -23.37
C ILE B 345 -10.75 4.24 -23.82
N ARG B 346 -10.15 4.85 -24.86
CA ARG B 346 -10.59 6.15 -25.37
C ARG B 346 -12.08 6.10 -25.70
N SER B 347 -12.49 4.96 -26.24
CA SER B 347 -13.88 4.75 -26.63
C SER B 347 -14.85 4.67 -25.44
N VAL B 348 -14.46 4.01 -24.35
CA VAL B 348 -15.27 4.08 -23.12
C VAL B 348 -15.31 5.53 -22.62
N ASN B 349 -14.17 6.23 -22.66
CA ASN B 349 -14.13 7.62 -22.13
C ASN B 349 -14.90 8.62 -22.99
N ASN B 350 -15.11 8.31 -24.28
CA ASN B 350 -16.02 9.11 -25.15
C ASN B 350 -17.47 8.90 -24.74
N TYR B 351 -17.84 7.68 -24.37
CA TYR B 351 -19.17 7.48 -23.79
C TYR B 351 -19.36 8.41 -22.60
N TYR B 352 -18.42 8.43 -21.67
CA TYR B 352 -18.54 9.30 -20.49
C TYR B 352 -18.55 10.76 -20.86
N LYS B 353 -17.78 11.11 -21.87
CA LYS B 353 -17.76 12.46 -22.38
C LYS B 353 -19.13 12.89 -22.90
N GLU B 354 -19.80 12.02 -23.66
CA GLU B 354 -21.13 12.31 -24.17
C GLU B 354 -22.09 12.48 -23.02
N ASN B 355 -21.93 11.70 -21.93
CA ASN B 355 -22.84 11.81 -20.77
C ASN B 355 -22.68 13.17 -20.11
N ARG B 356 -21.44 13.61 -19.93
CA ARG B 356 -21.24 14.91 -19.37
C ARG B 356 -21.89 16.01 -20.16
N LYS B 357 -21.76 15.96 -21.48
CA LYS B 357 -22.39 16.95 -22.33
C LYS B 357 -23.93 16.97 -22.09
N ILE B 358 -24.59 15.81 -22.07
CA ILE B 358 -26.05 15.79 -21.80
C ILE B 358 -26.32 16.61 -20.54
N LEU B 359 -25.57 16.32 -19.49
CA LEU B 359 -25.81 16.98 -18.20
C LEU B 359 -25.43 18.47 -18.16
N MET B 360 -24.29 18.80 -18.72
CA MET B 360 -23.90 20.20 -18.76
C MET B 360 -24.90 21.00 -19.60
N ASP B 361 -25.37 20.44 -20.72
CA ASP B 361 -26.30 21.20 -21.59
C ASP B 361 -27.65 21.40 -20.83
N THR B 362 -28.06 20.38 -20.06
CA THR B 362 -29.27 20.48 -19.28
C THR B 362 -29.15 21.58 -18.24
N LEU B 363 -28.11 21.49 -17.44
CA LEU B 363 -28.03 22.44 -16.34
C LEU B 363 -27.79 23.90 -16.76
N VAL B 364 -26.97 24.07 -17.79
CA VAL B 364 -26.77 25.39 -18.37
C VAL B 364 -28.06 25.92 -18.98
N SER B 365 -28.83 25.07 -19.65
CA SER B 365 -30.12 25.52 -20.21
C SER B 365 -31.12 25.95 -19.12
N LEU B 366 -30.88 25.53 -17.89
CA LEU B 366 -31.72 25.94 -16.77
C LEU B 366 -31.19 27.16 -16.02
N GLY B 367 -30.18 27.82 -16.57
CA GLY B 367 -29.72 29.05 -15.96
C GLY B 367 -28.72 28.86 -14.85
N LEU B 368 -28.19 27.65 -14.67
CA LEU B 368 -27.26 27.36 -13.56
C LEU B 368 -25.85 27.69 -14.02
N LYS B 369 -25.02 28.07 -13.07
CA LYS B 369 -23.62 28.34 -13.34
C LYS B 369 -22.86 27.03 -13.17
N VAL B 370 -22.43 26.47 -14.28
CA VAL B 370 -21.87 25.16 -14.30
C VAL B 370 -20.41 25.30 -14.62
N TYR B 371 -19.54 24.90 -13.70
CA TYR B 371 -18.12 24.83 -14.01
C TYR B 371 -17.70 23.40 -14.20
N GLY B 372 -16.48 23.27 -14.67
CA GLY B 372 -15.93 21.95 -15.00
C GLY B 372 -16.59 21.30 -16.19
N GLY B 373 -16.63 19.96 -16.17
CA GLY B 373 -17.33 19.16 -17.18
C GLY B 373 -16.62 18.85 -18.46
N VAL B 374 -15.70 19.71 -18.87
CA VAL B 374 -15.13 19.64 -20.22
C VAL B 374 -13.92 18.70 -20.24
N ASN B 375 -13.09 18.87 -19.23
CA ASN B 375 -11.83 18.23 -19.13
C ASN B 375 -11.73 17.30 -17.94
N ALA B 376 -12.87 16.98 -17.35
CA ALA B 376 -12.86 16.09 -16.21
C ALA B 376 -14.19 15.47 -16.15
N PRO B 377 -14.29 14.36 -15.42
CA PRO B 377 -15.59 13.76 -15.35
C PRO B 377 -16.53 14.43 -14.38
N TYR B 378 -16.12 15.53 -13.74
CA TYR B 378 -16.97 16.23 -12.77
C TYR B 378 -17.45 17.60 -13.25
N LEU B 379 -18.73 17.85 -13.06
CA LEU B 379 -19.35 19.17 -13.08
C LEU B 379 -19.44 19.77 -11.67
N TRP B 380 -19.28 21.09 -11.59
CA TRP B 380 -19.18 21.81 -10.35
C TRP B 380 -20.17 22.94 -10.49
N VAL B 381 -21.31 22.79 -9.85
CA VAL B 381 -22.45 23.64 -10.08
C VAL B 381 -22.69 24.54 -8.89
N HIS B 382 -22.75 25.85 -9.15
CA HIS B 382 -22.86 26.88 -8.12
C HIS B 382 -24.32 27.21 -7.88
N PHE B 383 -24.77 27.13 -6.64
CA PHE B 383 -26.10 27.61 -6.23
C PHE B 383 -25.88 28.76 -5.28
N LYS B 384 -25.63 29.94 -5.83
CA LYS B 384 -25.27 31.11 -5.04
C LYS B 384 -26.39 31.36 -4.02
N GLY B 385 -26.01 31.55 -2.76
CA GLY B 385 -26.99 31.77 -1.70
C GLY B 385 -27.52 30.53 -1.00
N SER B 386 -27.28 29.34 -1.55
CA SER B 386 -27.79 28.14 -0.90
C SER B 386 -26.68 27.26 -0.29
N LYS B 387 -26.97 26.60 0.84
CA LYS B 387 -26.14 25.55 1.41
C LYS B 387 -26.18 24.29 0.54
N SER B 388 -25.00 23.72 0.31
CA SER B 388 -24.85 22.55 -0.51
C SER B 388 -25.82 21.47 -0.09
N TRP B 389 -25.95 21.26 1.21
CA TRP B 389 -26.80 20.18 1.73
C TRP B 389 -28.29 20.40 1.47
N ASP B 390 -28.75 21.65 1.45
CA ASP B 390 -30.18 21.91 1.26
C ASP B 390 -30.50 21.66 -0.20
N VAL B 391 -29.57 22.00 -1.09
CA VAL B 391 -29.77 21.70 -2.50
C VAL B 391 -29.76 20.18 -2.73
N PHE B 392 -28.79 19.48 -2.12
CA PHE B 392 -28.77 18.01 -2.16
C PHE B 392 -30.15 17.44 -1.79
N ASN B 393 -30.68 17.93 -0.65
CA ASN B 393 -31.97 17.47 -0.12
C ASN B 393 -33.10 17.75 -1.13
N GLU B 394 -33.16 18.96 -1.66
CA GLU B 394 -34.16 19.36 -2.63
C GLU B 394 -34.11 18.40 -3.81
N ILE B 395 -32.91 18.21 -4.36
CA ILE B 395 -32.75 17.41 -5.57
C ILE B 395 -33.06 15.95 -5.26
N LEU B 396 -32.59 15.47 -4.12
CA LEU B 396 -32.94 14.09 -3.75
C LEU B 396 -34.46 13.88 -3.57
N GLU B 397 -35.10 14.74 -2.81
CA GLU B 397 -36.54 14.59 -2.49
C GLU B 397 -37.42 14.76 -3.71
N ASN B 398 -37.08 15.67 -4.62
CA ASN B 398 -38.00 15.99 -5.73
C ASN B 398 -37.67 15.29 -7.02
N THR B 399 -36.43 14.81 -7.15
CA THR B 399 -36.07 14.07 -8.36
C THR B 399 -35.48 12.69 -8.12
N HIS B 400 -35.21 12.32 -6.88
CA HIS B 400 -34.69 10.99 -6.61
C HIS B 400 -33.35 10.84 -7.27
N ILE B 401 -32.59 11.93 -7.24
CA ILE B 401 -31.20 11.95 -7.73
C ILE B 401 -30.20 12.29 -6.61
N ILE B 402 -29.10 11.55 -6.58
CA ILE B 402 -28.01 11.78 -5.64
C ILE B 402 -26.89 12.60 -6.30
N THR B 403 -26.41 13.60 -5.57
CA THR B 403 -25.33 14.46 -5.95
C THR B 403 -24.38 14.50 -4.75
N VAL B 404 -23.28 15.25 -4.87
CA VAL B 404 -22.32 15.40 -3.79
C VAL B 404 -22.25 16.84 -3.33
N PRO B 405 -22.52 17.06 -2.05
CA PRO B 405 -22.44 18.42 -1.50
C PRO B 405 -21.04 18.97 -1.51
N GLY B 406 -20.83 20.14 -2.10
CA GLY B 406 -19.51 20.73 -2.22
C GLY B 406 -18.90 21.08 -0.85
N SER B 407 -19.77 21.46 0.08
CA SER B 407 -19.45 21.59 1.50
C SER B 407 -18.54 20.52 2.00
N GLY B 408 -18.83 19.29 1.61
CA GLY B 408 -17.99 18.17 1.95
C GLY B 408 -16.54 18.33 1.61
N PHE B 409 -16.18 19.20 0.66
CA PHE B 409 -14.76 19.43 0.29
C PHE B 409 -14.16 20.67 0.90
N GLY B 410 -14.81 21.21 1.92
CA GLY B 410 -14.27 22.39 2.60
C GLY B 410 -15.09 23.64 2.31
N PRO B 411 -14.67 24.78 2.87
CA PRO B 411 -15.49 26.01 2.82
C PRO B 411 -15.60 26.59 1.41
N GLY B 412 -14.55 26.44 0.61
CA GLY B 412 -14.59 26.85 -0.79
C GLY B 412 -15.52 25.98 -1.65
N GLY B 413 -16.07 24.89 -1.09
CA GLY B 413 -17.12 24.11 -1.76
C GLY B 413 -18.54 24.43 -1.34
N GLU B 414 -18.68 25.29 -0.34
CA GLU B 414 -20.00 25.66 0.16
C GLU B 414 -20.75 26.35 -0.96
N GLU B 415 -22.00 25.95 -1.12
CA GLU B 415 -22.87 26.50 -2.19
C GLU B 415 -22.74 25.78 -3.55
N TYR B 416 -21.82 24.82 -3.66
CA TYR B 416 -21.70 24.06 -4.87
C TYR B 416 -22.15 22.60 -4.69
N LEU B 417 -22.44 21.97 -5.79
CA LEU B 417 -22.57 20.52 -5.88
C LEU B 417 -21.63 19.99 -6.93
N ARG B 418 -21.06 18.82 -6.64
CA ARG B 418 -20.31 18.05 -7.61
C ARG B 418 -21.20 17.00 -8.18
N ILE B 419 -21.15 16.86 -9.50
CA ILE B 419 -22.04 15.99 -10.22
C ILE B 419 -21.20 15.20 -11.18
N SER B 420 -21.47 13.91 -11.30
CA SER B 420 -20.55 13.00 -11.98
C SER B 420 -21.15 12.59 -13.32
N GLY B 421 -20.32 12.50 -14.36
CA GLY B 421 -20.75 11.95 -15.65
C GLY B 421 -20.52 10.47 -15.84
N PHE B 422 -19.93 9.80 -14.85
CA PHE B 422 -19.88 8.34 -14.88
C PHE B 422 -21.30 7.81 -14.72
N GLY B 423 -21.57 6.59 -15.16
CA GLY B 423 -22.92 6.06 -15.20
C GLY B 423 -23.38 5.62 -16.58
N ARG B 424 -24.55 5.00 -16.65
CA ARG B 424 -25.12 4.55 -17.94
C ARG B 424 -25.96 5.65 -18.62
N ARG B 425 -26.01 5.62 -19.96
CA ARG B 425 -26.60 6.69 -20.72
C ARG B 425 -28.05 6.90 -20.39
N ASP B 426 -28.81 5.82 -20.35
CA ASP B 426 -30.24 5.91 -20.02
C ASP B 426 -30.49 6.56 -18.62
N HIS B 427 -29.54 6.43 -17.71
CA HIS B 427 -29.65 7.11 -16.42
C HIS B 427 -29.35 8.59 -16.56
N ILE B 428 -28.36 8.94 -17.36
CA ILE B 428 -28.09 10.34 -17.60
C ILE B 428 -29.29 11.05 -18.28
N VAL B 429 -29.84 10.37 -19.26
CA VAL B 429 -31.02 10.88 -19.99
C VAL B 429 -32.28 11.07 -19.11
N GLU B 430 -32.56 10.06 -18.29
CA GLU B 430 -33.66 10.15 -17.32
C GLU B 430 -33.37 11.27 -16.32
N ALA B 431 -32.15 11.36 -15.82
CA ALA B 431 -31.84 12.39 -14.85
C ALA B 431 -32.02 13.75 -15.50
N SER B 432 -31.71 13.84 -16.79
CA SER B 432 -31.85 15.10 -17.50
C SER B 432 -33.31 15.53 -17.59
N LYS B 433 -34.16 14.56 -17.88
CA LYS B 433 -35.59 14.75 -17.93
C LYS B 433 -36.08 15.24 -16.56
N ARG B 434 -35.63 14.61 -15.49
CA ARG B 434 -36.18 14.93 -14.18
C ARG B 434 -35.73 16.30 -13.74
N LEU B 435 -34.49 16.67 -14.05
CA LEU B 435 -34.02 17.99 -13.62
C LEU B 435 -34.78 19.05 -14.40
N GLN B 436 -35.04 18.77 -15.66
CA GLN B 436 -35.79 19.71 -16.48
C GLN B 436 -37.11 19.97 -15.83
N ASN B 437 -37.81 18.90 -15.47
CA ASN B 437 -39.11 19.05 -14.86
C ASN B 437 -39.00 19.83 -13.55
N PHE B 438 -38.00 19.51 -12.75
CA PHE B 438 -37.93 20.07 -11.41
C PHE B 438 -37.63 21.54 -11.38
N PHE B 439 -36.58 21.93 -12.09
CA PHE B 439 -36.16 23.31 -12.05
C PHE B 439 -37.04 24.22 -12.85
N ASN B 440 -37.90 23.69 -13.71
CA ASN B 440 -38.85 24.57 -14.37
C ASN B 440 -40.09 24.76 -13.50
N THR B 441 -40.14 24.13 -12.33
CA THR B 441 -41.21 24.41 -11.39
C THR B 441 -41.07 25.82 -10.74
N ARG B 442 -40.28 26.03 -9.67
CA ARG B 442 -39.22 25.14 -9.14
C ARG B 442 -39.61 24.38 -7.84
#